data_7ZRA
#
_entry.id   7ZRA
#
_cell.length_a   59.918
_cell.length_b   110.750
_cell.length_c   231.796
_cell.angle_alpha   90.000
_cell.angle_beta   90.000
_cell.angle_gamma   90.000
#
_symmetry.space_group_name_H-M   'P 21 21 21'
#
loop_
_entity.id
_entity.type
_entity.pdbx_description
1 polymer 'LexA repressor'
2 polymer 'Nanobody NbSOS1 (Nb14497)'
3 non-polymer 1,2-ETHANEDIOL
4 water water
#
loop_
_entity_poly.entity_id
_entity_poly.type
_entity_poly.pdbx_seq_one_letter_code
_entity_poly.pdbx_strand_id
1 'polypeptide(L)'
;MKALTARQQEVFDLIRDHISQTGMPPTRAEIAQRLGFRSPNAAEEHLKALARKGVIEIVSGASRGIRLLQEEEEGLPLVG
RVAAGEPLLAQQHIEGHYQVDPSLFKPNADFLLRVSGMSMKDIGIMDGDLLAVHKTQDVRNGQVVVARIDDEVTVKRLKK
QGNKVELLPENSEFKPIVVDLRQQSFTIEGLAVGVIRNGDWL
;
A,C,B,D
2 'polypeptide(L)'
;QVQLVESGGGSVQAGGSLRLSCAASGSIFSINAMGWYRQAPGKQRELVAAITRRGSTNYADFVKGRFTISRDNAKNTVYL
QMNSLKPEDTAVYYCKARIEPDSSWGTEYEYWGQGTQVTVSSHHHHHHEPEA
;
E,G,F,H
#
# COMPACT_ATOMS: atom_id res chain seq x y z
N GLU A 74 0.34 -10.45 37.82
CA GLU A 74 1.72 -9.98 37.60
C GLU A 74 2.17 -10.46 36.22
N GLY A 75 2.29 -11.78 36.06
CA GLY A 75 2.70 -12.34 34.77
C GLY A 75 3.82 -13.32 34.97
N LEU A 76 4.40 -13.78 33.88
CA LEU A 76 5.45 -14.80 33.98
C LEU A 76 6.75 -14.10 34.26
N PRO A 77 7.46 -14.45 35.33
CA PRO A 77 8.79 -13.89 35.57
C PRO A 77 9.81 -14.22 34.48
N LEU A 78 10.82 -13.36 34.35
CA LEU A 78 11.89 -13.49 33.39
C LEU A 78 13.22 -13.71 34.13
N VAL A 79 13.66 -14.98 34.18
CA VAL A 79 14.92 -15.33 34.80
C VAL A 79 16.02 -15.25 33.75
N GLY A 80 17.05 -14.42 34.03
CA GLY A 80 18.20 -14.31 33.16
C GLY A 80 19.34 -15.26 33.50
N ARG A 81 20.51 -14.70 33.85
CA ARG A 81 21.61 -15.55 34.29
C ARG A 81 21.56 -15.65 35.82
N VAL A 82 21.61 -16.91 36.26
CA VAL A 82 21.45 -17.22 37.66
C VAL A 82 22.83 -17.32 38.30
N ALA A 83 23.02 -16.53 39.37
CA ALA A 83 24.25 -16.60 40.14
C ALA A 83 24.38 -17.99 40.77
N ALA A 84 25.62 -18.45 40.93
CA ALA A 84 25.89 -19.74 41.57
C ALA A 84 25.29 -19.75 42.99
N GLY A 85 24.76 -20.92 43.38
CA GLY A 85 24.20 -21.13 44.71
C GLY A 85 22.77 -20.63 44.83
N GLU A 86 22.48 -19.50 44.18
CA GLU A 86 21.19 -18.85 44.34
C GLU A 86 20.09 -19.64 43.64
N PRO A 87 18.85 -19.57 44.16
CA PRO A 87 17.72 -20.20 43.47
C PRO A 87 17.39 -19.42 42.20
N LEU A 88 16.66 -20.07 41.28
CA LEU A 88 16.37 -19.45 39.99
C LEU A 88 15.61 -18.14 40.17
N LEU A 89 14.50 -18.19 40.90
CA LEU A 89 13.57 -17.09 41.00
C LEU A 89 14.03 -16.01 41.99
N ALA A 90 15.32 -16.04 42.38
CA ALA A 90 15.88 -15.00 43.24
C ALA A 90 15.57 -13.61 42.67
N GLN A 91 15.15 -12.68 43.53
CA GLN A 91 14.52 -11.43 43.11
C GLN A 91 15.44 -10.66 42.16
N GLN A 92 16.75 -10.79 42.33
CA GLN A 92 17.70 -10.03 41.53
C GLN A 92 18.13 -10.79 40.25
N HIS A 93 17.46 -11.91 39.96
CA HIS A 93 17.58 -12.57 38.66
C HIS A 93 16.41 -12.22 37.74
N ILE A 94 15.35 -11.60 38.29
CA ILE A 94 14.11 -11.42 37.55
C ILE A 94 14.20 -10.09 36.82
N GLU A 95 14.43 -10.15 35.51
CA GLU A 95 14.54 -8.97 34.68
C GLU A 95 13.23 -8.71 33.91
N GLY A 96 12.11 -8.79 34.61
CA GLY A 96 10.84 -8.42 34.01
C GLY A 96 9.75 -9.46 34.29
N HIS A 97 8.50 -9.08 33.97
CA HIS A 97 7.35 -9.97 34.00
C HIS A 97 6.56 -9.81 32.71
N TYR A 98 6.31 -10.93 32.02
CA TYR A 98 5.65 -10.91 30.72
C TYR A 98 4.19 -11.37 30.85
N GLN A 99 3.30 -10.65 30.16
CA GLN A 99 1.87 -10.93 30.21
C GLN A 99 1.54 -11.97 29.14
N VAL A 100 1.98 -13.20 29.38
CA VAL A 100 1.61 -14.34 28.55
C VAL A 100 0.80 -15.33 29.37
N ASP A 101 -0.35 -15.72 28.80
CA ASP A 101 -1.26 -16.69 29.41
C ASP A 101 -0.51 -17.99 29.71
N PRO A 102 -0.25 -18.28 31.00
CA PRO A 102 0.60 -19.42 31.35
C PRO A 102 0.06 -20.74 30.79
N SER A 103 -1.28 -20.88 30.81
CA SER A 103 -1.96 -22.10 30.37
C SER A 103 -1.96 -22.29 28.85
N LEU A 104 -1.37 -21.34 28.11
CA LEU A 104 -1.03 -21.62 26.72
C LEU A 104 0.06 -22.70 26.61
N PHE A 105 0.66 -23.11 27.74
CA PHE A 105 1.66 -24.16 27.75
C PHE A 105 1.16 -25.32 28.60
N LYS A 106 1.54 -26.55 28.21
CA LYS A 106 1.05 -27.77 28.86
C LYS A 106 2.23 -28.64 29.29
N PRO A 107 2.49 -28.77 30.60
CA PRO A 107 1.77 -28.04 31.66
C PRO A 107 2.15 -26.56 31.75
N ASN A 108 1.67 -25.90 32.81
CA ASN A 108 1.71 -24.45 32.89
C ASN A 108 3.14 -23.92 32.83
N ALA A 109 3.30 -22.77 32.19
CA ALA A 109 4.55 -22.03 32.30
C ALA A 109 4.57 -21.37 33.67
N ASP A 110 5.63 -21.69 34.44
CA ASP A 110 5.89 -21.02 35.70
C ASP A 110 6.82 -19.83 35.51
N PHE A 111 7.87 -19.99 34.71
CA PHE A 111 8.73 -18.86 34.42
C PHE A 111 9.31 -18.97 33.02
N LEU A 112 9.94 -17.88 32.58
CA LEU A 112 10.66 -17.86 31.31
C LEU A 112 12.14 -17.66 31.60
N LEU A 113 12.97 -18.58 31.09
CA LEU A 113 14.44 -18.50 31.33
C LEU A 113 15.11 -18.13 30.01
N ARG A 114 16.04 -17.18 30.05
CA ARG A 114 16.79 -16.80 28.83
C ARG A 114 17.78 -17.90 28.48
N VAL A 115 17.64 -18.42 27.26
CA VAL A 115 18.57 -19.46 26.73
C VAL A 115 19.88 -18.77 26.37
N SER A 116 20.99 -19.35 26.82
CA SER A 116 22.32 -18.80 26.49
C SER A 116 23.12 -19.90 25.78
N GLY A 117 23.32 -19.72 24.48
CA GLY A 117 24.07 -20.69 23.70
C GLY A 117 23.24 -21.29 22.58
N MET A 118 23.95 -21.85 21.60
CA MET A 118 23.28 -22.53 20.50
C MET A 118 23.39 -24.04 20.66
N SER A 119 23.44 -24.48 21.93
CA SER A 119 23.56 -25.87 22.34
C SER A 119 22.35 -26.69 21.93
N MET A 120 21.26 -26.03 21.51
CA MET A 120 19.96 -26.67 21.33
C MET A 120 19.32 -26.29 19.98
N LYS A 121 20.08 -25.60 19.12
CA LYS A 121 19.54 -24.91 17.96
C LYS A 121 18.83 -25.86 17.00
N ASP A 122 19.23 -27.13 16.98
CA ASP A 122 18.62 -28.09 16.05
C ASP A 122 17.11 -28.27 16.30
N ILE A 123 16.65 -27.97 17.51
CA ILE A 123 15.21 -28.03 17.75
C ILE A 123 14.60 -26.65 17.91
N GLY A 124 15.38 -25.59 17.64
CA GLY A 124 14.82 -24.25 17.56
C GLY A 124 14.98 -23.45 18.85
N ILE A 125 15.83 -23.92 19.78
CA ILE A 125 16.12 -23.15 20.97
C ILE A 125 17.40 -22.37 20.70
N MET A 126 17.23 -21.16 20.18
CA MET A 126 18.34 -20.32 19.80
C MET A 126 18.68 -19.37 20.96
N ASP A 127 19.92 -18.88 20.98
CA ASP A 127 20.39 -17.88 21.91
C ASP A 127 19.37 -16.76 22.03
N GLY A 128 19.22 -16.21 23.24
CA GLY A 128 18.32 -15.10 23.47
C GLY A 128 16.85 -15.51 23.53
N ASP A 129 16.52 -16.76 23.15
CA ASP A 129 15.16 -17.24 23.28
C ASP A 129 14.78 -17.28 24.76
N LEU A 130 13.50 -17.02 25.06
CA LEU A 130 12.97 -17.29 26.38
C LEU A 130 12.34 -18.69 26.39
N LEU A 131 12.86 -19.56 27.27
CA LEU A 131 12.31 -20.90 27.44
C LEU A 131 11.17 -20.84 28.44
N ALA A 132 10.03 -21.47 28.09
CA ALA A 132 8.92 -21.58 29.02
C ALA A 132 9.14 -22.83 29.89
N VAL A 133 9.24 -22.63 31.21
CA VAL A 133 9.58 -23.70 32.14
C VAL A 133 8.46 -23.89 33.16
N HIS A 134 8.07 -25.17 33.35
CA HIS A 134 7.20 -25.62 34.42
C HIS A 134 8.05 -26.18 35.55
N LYS A 135 7.97 -25.53 36.73
CA LYS A 135 8.80 -25.90 37.87
C LYS A 135 8.44 -27.30 38.38
N THR A 136 9.29 -28.29 38.06
CA THR A 136 9.14 -29.65 38.57
C THR A 136 10.51 -30.29 38.73
N GLN A 137 10.55 -31.29 39.60
CA GLN A 137 11.64 -32.24 39.62
C GLN A 137 11.27 -33.51 38.84
N ASP A 138 9.99 -33.65 38.50
CA ASP A 138 9.47 -34.86 37.88
C ASP A 138 9.47 -34.67 36.36
N VAL A 139 10.50 -35.23 35.72
CA VAL A 139 10.64 -35.21 34.27
C VAL A 139 11.03 -36.60 33.83
N ARG A 140 10.55 -37.00 32.65
CA ARG A 140 10.84 -38.32 32.11
C ARG A 140 11.95 -38.20 31.05
N ASN A 141 12.36 -39.35 30.50
CA ASN A 141 13.45 -39.35 29.55
C ASN A 141 12.97 -38.84 28.20
N GLY A 142 13.90 -38.26 27.43
CA GLY A 142 13.61 -37.72 26.11
C GLY A 142 13.09 -36.28 26.15
N GLN A 143 12.89 -35.74 27.35
CA GLN A 143 12.33 -34.40 27.50
C GLN A 143 13.43 -33.35 27.64
N VAL A 144 13.11 -32.14 27.18
CA VAL A 144 14.04 -31.04 27.36
C VAL A 144 13.84 -30.48 28.76
N VAL A 145 14.91 -30.48 29.54
CA VAL A 145 14.87 -30.05 30.93
C VAL A 145 15.82 -28.89 31.14
N VAL A 146 15.49 -28.08 32.16
CA VAL A 146 16.43 -27.17 32.78
C VAL A 146 17.03 -27.88 33.99
N ALA A 147 18.37 -27.93 34.03
CA ALA A 147 19.08 -28.66 35.05
C ALA A 147 20.16 -27.78 35.67
N ARG A 148 20.58 -28.18 36.87
CA ARG A 148 21.74 -27.59 37.52
C ARG A 148 22.76 -28.69 37.82
N ILE A 149 23.98 -28.52 37.27
CA ILE A 149 25.11 -29.38 37.54
C ILE A 149 26.16 -28.54 38.24
N ASP A 150 26.23 -28.63 39.58
CA ASP A 150 27.14 -27.85 40.40
C ASP A 150 27.06 -26.38 39.95
N ASP A 151 25.84 -25.85 40.03
CA ASP A 151 25.60 -24.44 39.76
C ASP A 151 25.77 -24.06 38.28
N GLU A 152 25.44 -24.95 37.35
CA GLU A 152 25.48 -24.65 35.91
C GLU A 152 24.08 -24.88 35.35
N VAL A 153 23.27 -23.81 35.37
CA VAL A 153 21.91 -23.87 34.85
C VAL A 153 21.95 -24.07 33.34
N THR A 154 21.65 -25.28 32.88
CA THR A 154 21.74 -25.67 31.50
C THR A 154 20.39 -26.17 30.99
N VAL A 155 20.21 -26.16 29.66
CA VAL A 155 18.98 -26.61 29.03
C VAL A 155 19.37 -27.71 28.05
N LYS A 156 19.07 -28.96 28.41
CA LYS A 156 19.46 -30.08 27.58
C LYS A 156 18.32 -31.10 27.56
N ARG A 157 18.52 -32.18 26.81
CA ARG A 157 17.57 -33.28 26.78
C ARG A 157 18.03 -34.37 27.77
N LEU A 158 17.07 -34.99 28.47
CA LEU A 158 17.38 -35.90 29.56
C LEU A 158 17.41 -37.35 29.08
N LYS A 159 18.51 -38.04 29.42
CA LYS A 159 18.63 -39.49 29.25
C LYS A 159 19.28 -40.06 30.51
N LYS A 160 18.46 -40.38 31.51
CA LYS A 160 18.96 -40.93 32.75
C LYS A 160 18.85 -42.45 32.73
N GLN A 161 19.98 -43.11 33.04
CA GLN A 161 20.12 -44.56 33.17
C GLN A 161 20.74 -44.80 34.55
N GLY A 162 19.87 -44.97 35.55
CA GLY A 162 20.29 -45.24 36.92
C GLY A 162 20.92 -44.05 37.62
N ASN A 163 22.23 -44.16 37.92
CA ASN A 163 22.98 -43.02 38.42
C ASN A 163 23.74 -42.30 37.31
N LYS A 164 23.57 -42.75 36.06
CA LYS A 164 24.17 -42.11 34.90
C LYS A 164 23.15 -41.18 34.26
N VAL A 165 23.24 -39.89 34.56
CA VAL A 165 22.38 -38.91 33.92
C VAL A 165 23.13 -38.29 32.74
N GLU A 166 22.56 -38.41 31.54
CA GLU A 166 23.16 -37.78 30.38
C GLU A 166 22.29 -36.60 29.92
N LEU A 167 22.91 -35.42 29.89
CA LEU A 167 22.28 -34.22 29.34
C LEU A 167 22.79 -34.02 27.92
N LEU A 168 21.96 -34.46 26.96
CA LEU A 168 22.28 -34.45 25.54
C LEU A 168 21.96 -33.09 24.94
N PRO A 169 22.84 -32.52 24.10
CA PRO A 169 22.50 -31.31 23.35
C PRO A 169 21.82 -31.63 22.04
N GLU A 170 21.31 -30.58 21.38
CA GLU A 170 20.79 -30.64 20.02
C GLU A 170 21.67 -29.76 19.14
N ASN A 171 22.90 -30.23 18.95
CA ASN A 171 23.91 -29.56 18.14
C ASN A 171 25.08 -30.51 18.00
N SER A 172 25.61 -30.63 16.78
CA SER A 172 26.70 -31.54 16.47
C SER A 172 28.05 -30.97 16.88
N GLU A 173 28.09 -29.73 17.40
CA GLU A 173 29.34 -29.12 17.83
C GLU A 173 29.49 -29.23 19.35
N PHE A 174 28.45 -29.68 20.05
CA PHE A 174 28.50 -29.89 21.50
C PHE A 174 28.49 -31.38 21.82
N LYS A 175 29.21 -31.76 22.87
CA LYS A 175 29.26 -33.16 23.27
C LYS A 175 28.42 -33.36 24.54
N PRO A 176 27.82 -34.56 24.77
CA PRO A 176 26.95 -34.78 25.92
C PRO A 176 27.59 -34.43 27.27
N ILE A 177 26.76 -34.02 28.24
CA ILE A 177 27.21 -33.89 29.62
C ILE A 177 26.83 -35.16 30.38
N VAL A 178 27.85 -35.85 30.91
CA VAL A 178 27.63 -37.08 31.65
C VAL A 178 27.79 -36.78 33.14
N VAL A 179 26.75 -37.11 33.92
CA VAL A 179 26.72 -36.84 35.35
C VAL A 179 26.55 -38.15 36.11
N ASP A 180 27.45 -38.39 37.06
CA ASP A 180 27.32 -39.50 37.98
C ASP A 180 26.68 -38.95 39.25
N LEU A 181 25.42 -39.32 39.50
CA LEU A 181 24.69 -38.78 40.63
C LEU A 181 25.44 -39.01 41.94
N ARG A 182 26.26 -40.08 42.00
CA ARG A 182 27.03 -40.41 43.18
C ARG A 182 28.05 -39.31 43.48
N GLN A 183 28.67 -38.79 42.40
CA GLN A 183 29.76 -37.82 42.55
C GLN A 183 29.22 -36.39 42.54
N GLN A 184 28.52 -36.00 41.48
CA GLN A 184 28.10 -34.60 41.30
C GLN A 184 26.73 -34.33 41.93
N SER A 185 26.52 -33.07 42.31
CA SER A 185 25.22 -32.58 42.75
C SER A 185 24.41 -32.11 41.53
N PHE A 186 23.19 -32.61 41.44
CA PHE A 186 22.39 -32.49 40.23
C PHE A 186 20.94 -32.24 40.60
N THR A 187 20.36 -31.18 40.05
CA THR A 187 18.96 -30.86 40.31
C THR A 187 18.23 -30.63 38.98
N ILE A 188 17.01 -31.20 38.89
CA ILE A 188 16.10 -30.82 37.82
C ILE A 188 15.29 -29.62 38.26
N GLU A 189 15.48 -28.48 37.59
CA GLU A 189 14.79 -27.24 37.94
C GLU A 189 13.41 -27.18 37.28
N GLY A 190 13.24 -27.72 36.08
CA GLY A 190 11.91 -27.70 35.51
C GLY A 190 11.84 -28.40 34.15
N LEU A 191 10.61 -28.38 33.59
CA LEU A 191 10.37 -28.95 32.28
C LEU A 191 10.20 -27.83 31.25
N ALA A 192 10.90 -27.97 30.12
CA ALA A 192 10.68 -27.08 29.00
C ALA A 192 9.30 -27.35 28.39
N VAL A 193 8.45 -26.32 28.39
CA VAL A 193 7.09 -26.46 27.88
C VAL A 193 6.87 -25.55 26.69
N GLY A 194 7.91 -24.87 26.21
CA GLY A 194 7.74 -24.06 25.02
C GLY A 194 8.81 -22.98 24.92
N VAL A 195 8.59 -22.04 23.97
CA VAL A 195 9.57 -21.03 23.66
C VAL A 195 8.86 -19.75 23.23
N ILE A 196 9.33 -18.62 23.78
CA ILE A 196 8.88 -17.29 23.36
C ILE A 196 10.10 -16.54 22.84
N ARG A 197 10.00 -16.09 21.57
CA ARG A 197 11.09 -15.40 20.92
C ARG A 197 10.62 -14.03 20.48
N ASN A 198 10.66 -13.08 21.41
CA ASN A 198 10.51 -11.67 21.07
C ASN A 198 11.90 -11.05 21.21
N GLY A 199 12.06 -9.81 20.78
CA GLY A 199 13.44 -9.32 20.81
C GLY A 199 13.71 -8.42 22.01
N ASP A 200 14.21 -7.21 21.71
CA ASP A 200 13.97 -6.08 22.60
C ASP A 200 12.76 -5.37 22.04
N TRP A 201 11.81 -5.06 22.93
CA TRP A 201 10.56 -4.44 22.50
C TRP A 201 10.50 -2.94 22.86
N LEU A 202 11.64 -2.36 23.31
CA LEU A 202 11.67 -0.90 23.40
C LEU A 202 12.89 -0.27 22.73
N GLU B 74 -9.84 -10.00 24.17
CA GLU B 74 -9.49 -11.09 23.18
C GLU B 74 -8.29 -10.67 22.33
N GLY B 75 -7.28 -11.53 22.27
CA GLY B 75 -5.98 -11.11 21.80
C GLY B 75 -5.67 -11.65 20.41
N LEU B 76 -4.42 -12.09 20.21
CA LEU B 76 -3.89 -12.34 18.88
C LEU B 76 -4.66 -13.48 18.23
N PRO B 77 -5.15 -13.30 17.00
CA PRO B 77 -5.71 -14.43 16.25
C PRO B 77 -4.65 -15.40 15.72
N LEU B 78 -5.06 -16.65 15.52
CA LEU B 78 -4.22 -17.73 15.03
C LEU B 78 -4.75 -18.17 13.68
N VAL B 79 -3.90 -18.11 12.65
CA VAL B 79 -4.27 -18.51 11.31
C VAL B 79 -3.46 -19.73 10.89
N GLY B 80 -4.16 -20.73 10.32
CA GLY B 80 -3.52 -21.95 9.86
C GLY B 80 -3.33 -21.96 8.34
N ARG B 81 -3.71 -23.07 7.68
CA ARG B 81 -3.88 -23.10 6.23
C ARG B 81 -4.85 -21.99 5.82
N VAL B 82 -4.36 -21.08 4.96
CA VAL B 82 -5.22 -20.04 4.43
C VAL B 82 -5.74 -20.50 3.06
N ALA B 83 -7.02 -20.21 2.78
CA ALA B 83 -7.62 -20.60 1.51
C ALA B 83 -7.00 -19.83 0.35
N ALA B 84 -6.79 -20.55 -0.77
CA ALA B 84 -6.37 -19.94 -2.01
C ALA B 84 -7.33 -18.82 -2.41
N GLY B 85 -6.77 -17.61 -2.54
CA GLY B 85 -7.51 -16.42 -2.94
C GLY B 85 -8.55 -15.97 -1.91
N GLU B 86 -8.20 -16.14 -0.63
CA GLU B 86 -9.08 -15.60 0.43
C GLU B 86 -8.17 -14.90 1.43
N PRO B 87 -8.61 -13.76 1.99
CA PRO B 87 -7.79 -13.03 2.91
C PRO B 87 -7.26 -13.95 4.02
N LEU B 88 -6.10 -13.63 4.59
CA LEU B 88 -5.47 -14.52 5.60
C LEU B 88 -6.32 -14.53 6.85
N LEU B 89 -6.73 -13.35 7.32
CA LEU B 89 -7.46 -13.27 8.61
C LEU B 89 -8.95 -13.48 8.37
N ALA B 90 -9.28 -14.31 7.40
CA ALA B 90 -10.68 -14.68 7.19
C ALA B 90 -11.11 -15.58 8.32
N GLN B 91 -12.27 -15.31 8.91
CA GLN B 91 -12.74 -16.07 10.08
C GLN B 91 -12.45 -17.55 9.90
N GLN B 92 -12.74 -18.07 8.72
CA GLN B 92 -12.59 -19.51 8.47
C GLN B 92 -11.18 -19.97 8.78
N HIS B 93 -10.22 -19.05 8.76
CA HIS B 93 -8.81 -19.46 8.96
C HIS B 93 -8.41 -19.21 10.41
N ILE B 94 -9.29 -18.65 11.21
CA ILE B 94 -8.90 -18.26 12.56
C ILE B 94 -9.08 -19.46 13.51
N GLU B 95 -7.98 -20.11 13.88
CA GLU B 95 -8.01 -21.28 14.73
C GLU B 95 -7.84 -20.93 16.21
N GLY B 96 -8.15 -19.67 16.58
CA GLY B 96 -8.23 -19.32 17.99
C GLY B 96 -7.65 -17.94 18.30
N HIS B 97 -7.80 -17.51 19.56
CA HIS B 97 -7.35 -16.20 20.03
C HIS B 97 -6.52 -16.38 21.29
N TYR B 98 -5.20 -16.13 21.19
CA TYR B 98 -4.28 -16.31 22.30
C TYR B 98 -4.07 -15.01 23.05
N GLN B 99 -4.03 -15.08 24.37
CA GLN B 99 -3.81 -13.93 25.24
C GLN B 99 -2.33 -13.73 25.49
N VAL B 100 -1.66 -13.08 24.53
CA VAL B 100 -0.26 -12.70 24.60
C VAL B 100 -0.17 -11.20 24.33
N ASP B 101 0.63 -10.50 25.15
CA ASP B 101 0.80 -9.06 25.02
C ASP B 101 1.35 -8.73 23.64
N PRO B 102 0.55 -8.12 22.74
CA PRO B 102 1.03 -7.84 21.38
C PRO B 102 2.33 -7.04 21.42
N SER B 103 2.38 -6.06 22.34
CA SER B 103 3.51 -5.14 22.46
C SER B 103 4.74 -5.77 23.11
N LEU B 104 4.67 -7.06 23.47
CA LEU B 104 5.90 -7.80 23.74
C LEU B 104 6.73 -7.99 22.48
N PHE B 105 6.17 -7.67 21.31
CA PHE B 105 6.93 -7.75 20.07
C PHE B 105 7.09 -6.33 19.51
N LYS B 106 8.22 -6.07 18.84
CA LYS B 106 8.49 -4.77 18.23
C LYS B 106 8.81 -5.00 16.75
N PRO B 107 8.01 -4.47 15.82
CA PRO B 107 6.75 -3.76 16.13
C PRO B 107 5.66 -4.70 16.64
N ASN B 108 4.47 -4.14 16.89
CA ASN B 108 3.39 -4.93 17.50
C ASN B 108 3.05 -6.16 16.67
N ALA B 109 2.93 -7.31 17.34
CA ALA B 109 2.36 -8.47 16.69
C ALA B 109 0.89 -8.21 16.41
N ASP B 110 0.47 -8.45 15.16
CA ASP B 110 -0.93 -8.33 14.78
C ASP B 110 -1.61 -9.71 14.71
N PHE B 111 -0.88 -10.75 14.32
CA PHE B 111 -1.45 -12.08 14.36
C PHE B 111 -0.35 -13.13 14.48
N LEU B 112 -0.79 -14.39 14.62
CA LEU B 112 0.10 -15.53 14.72
C LEU B 112 -0.23 -16.48 13.57
N LEU B 113 0.82 -16.95 12.90
CA LEU B 113 0.63 -17.88 11.76
C LEU B 113 1.34 -19.18 12.07
N ARG B 114 0.67 -20.31 11.88
CA ARG B 114 1.32 -21.61 12.09
C ARG B 114 2.35 -21.81 11.00
N VAL B 115 3.57 -22.18 11.38
CA VAL B 115 4.66 -22.38 10.40
C VAL B 115 4.59 -23.82 9.89
N SER B 116 4.57 -23.99 8.58
CA SER B 116 4.56 -25.30 7.94
C SER B 116 5.90 -25.52 7.26
N GLY B 117 6.61 -26.58 7.66
CA GLY B 117 7.87 -26.96 7.06
C GLY B 117 9.11 -26.40 7.73
N MET B 118 10.26 -27.05 7.48
CA MET B 118 11.51 -26.67 8.12
C MET B 118 12.39 -25.77 7.24
N SER B 119 11.74 -24.95 6.40
CA SER B 119 12.44 -24.01 5.51
C SER B 119 13.37 -23.09 6.30
N MET B 120 12.96 -22.71 7.52
CA MET B 120 13.64 -21.68 8.29
C MET B 120 14.25 -22.26 9.57
N LYS B 121 14.65 -23.53 9.54
CA LYS B 121 15.06 -24.20 10.76
C LYS B 121 16.31 -23.56 11.36
N ASP B 122 17.13 -22.90 10.53
CA ASP B 122 18.43 -22.43 10.98
C ASP B 122 18.35 -21.09 11.70
N ILE B 123 17.25 -20.35 11.56
CA ILE B 123 17.05 -19.18 12.40
C ILE B 123 16.19 -19.52 13.62
N GLY B 124 15.62 -20.72 13.68
CA GLY B 124 14.89 -21.17 14.85
C GLY B 124 13.39 -21.22 14.62
N ILE B 125 12.94 -21.05 13.37
CA ILE B 125 11.51 -21.16 13.05
C ILE B 125 11.24 -22.59 12.60
N MET B 126 10.46 -23.31 13.42
CA MET B 126 10.25 -24.73 13.21
C MET B 126 8.80 -24.98 12.79
N ASP B 127 8.59 -26.14 12.15
CA ASP B 127 7.25 -26.60 11.82
C ASP B 127 6.38 -26.53 13.07
N GLY B 128 5.17 -26.03 12.90
CA GLY B 128 4.23 -25.93 14.01
C GLY B 128 4.38 -24.67 14.85
N ASP B 129 5.52 -23.97 14.74
CA ASP B 129 5.69 -22.72 15.48
C ASP B 129 4.64 -21.70 15.06
N LEU B 130 4.27 -20.83 15.99
CA LEU B 130 3.39 -19.73 15.70
C LEU B 130 4.23 -18.47 15.47
N LEU B 131 4.27 -17.98 14.23
CA LEU B 131 5.06 -16.80 13.90
C LEU B 131 4.26 -15.54 14.23
N ALA B 132 4.87 -14.70 15.10
CA ALA B 132 4.32 -13.40 15.46
C ALA B 132 4.61 -12.40 14.33
N VAL B 133 3.53 -11.90 13.71
CA VAL B 133 3.58 -11.15 12.47
C VAL B 133 2.88 -9.81 12.65
N HIS B 134 3.60 -8.74 12.27
CA HIS B 134 3.08 -7.40 12.15
C HIS B 134 2.52 -7.23 10.75
N LYS B 135 1.22 -6.94 10.63
CA LYS B 135 0.58 -6.76 9.34
C LYS B 135 1.06 -5.47 8.71
N THR B 136 1.76 -5.60 7.58
CA THR B 136 2.30 -4.46 6.87
C THR B 136 2.70 -4.90 5.47
N GLN B 137 2.90 -3.94 4.57
CA GLN B 137 3.57 -4.21 3.30
C GLN B 137 4.95 -3.56 3.25
N ASP B 138 5.25 -2.64 4.18
CA ASP B 138 6.50 -1.92 4.19
C ASP B 138 7.58 -2.77 4.83
N VAL B 139 8.19 -3.63 4.00
CA VAL B 139 9.29 -4.47 4.44
C VAL B 139 10.49 -4.16 3.55
N ARG B 140 11.67 -4.16 4.17
CA ARG B 140 12.92 -3.93 3.47
C ARG B 140 13.64 -5.27 3.27
N ASN B 141 14.51 -5.32 2.28
CA ASN B 141 15.34 -6.49 2.02
C ASN B 141 16.06 -6.91 3.30
N GLY B 142 16.30 -8.22 3.42
CA GLY B 142 17.00 -8.78 4.58
C GLY B 142 16.03 -9.31 5.63
N GLN B 143 14.83 -8.72 5.71
CA GLN B 143 13.85 -9.06 6.74
C GLN B 143 13.21 -10.41 6.45
N VAL B 144 12.71 -11.05 7.51
CA VAL B 144 11.87 -12.23 7.35
C VAL B 144 10.42 -11.80 7.26
N VAL B 145 9.75 -12.22 6.18
CA VAL B 145 8.40 -11.77 5.91
C VAL B 145 7.51 -12.96 5.62
N VAL B 146 6.21 -12.71 5.77
CA VAL B 146 5.17 -13.60 5.29
C VAL B 146 4.73 -13.07 3.95
N ALA B 147 4.82 -13.92 2.92
CA ALA B 147 4.49 -13.51 1.55
C ALA B 147 3.55 -14.51 0.89
N ARG B 148 2.65 -14.02 0.04
CA ARG B 148 1.74 -14.91 -0.71
C ARG B 148 2.19 -14.95 -2.16
N ILE B 149 2.68 -16.10 -2.61
CA ILE B 149 3.09 -16.26 -4.02
C ILE B 149 2.04 -17.11 -4.71
N ASP B 150 1.15 -16.46 -5.44
CA ASP B 150 0.16 -17.21 -6.23
C ASP B 150 -0.58 -18.17 -5.31
N ASP B 151 -1.38 -17.63 -4.41
CA ASP B 151 -2.26 -18.50 -3.59
C ASP B 151 -1.49 -19.39 -2.63
N GLU B 152 -0.18 -19.18 -2.47
CA GLU B 152 0.54 -19.97 -1.46
C GLU B 152 1.25 -19.01 -0.51
N VAL B 153 1.11 -19.22 0.79
CA VAL B 153 1.69 -18.32 1.80
C VAL B 153 2.99 -18.95 2.28
N THR B 154 4.06 -18.17 2.32
CA THR B 154 5.37 -18.69 2.76
C THR B 154 6.03 -17.74 3.74
N VAL B 155 6.91 -18.27 4.57
CA VAL B 155 7.69 -17.48 5.49
C VAL B 155 9.15 -17.58 5.06
N LYS B 156 9.69 -16.48 4.53
CA LYS B 156 11.04 -16.50 4.00
C LYS B 156 11.74 -15.16 4.24
N ARG B 157 13.02 -15.10 3.88
CA ARG B 157 13.80 -13.88 3.96
C ARG B 157 13.81 -13.17 2.61
N LEU B 158 13.57 -11.84 2.61
CA LEU B 158 13.27 -11.10 1.39
C LEU B 158 14.54 -10.64 0.70
N LYS B 159 14.55 -10.73 -0.64
CA LYS B 159 15.59 -10.15 -1.48
C LYS B 159 14.96 -9.71 -2.80
N LYS B 160 14.34 -8.53 -2.79
CA LYS B 160 13.69 -7.99 -3.97
C LYS B 160 14.70 -7.13 -4.74
N GLN B 161 14.74 -7.32 -6.07
CA GLN B 161 15.57 -6.51 -6.95
C GLN B 161 14.80 -6.32 -8.27
N GLY B 162 13.88 -5.36 -8.25
CA GLY B 162 13.08 -5.06 -9.42
C GLY B 162 11.83 -5.92 -9.43
N ASN B 163 11.52 -6.48 -10.62
CA ASN B 163 10.42 -7.42 -10.77
C ASN B 163 10.87 -8.85 -10.45
N LYS B 164 12.08 -8.98 -9.90
CA LYS B 164 12.63 -10.25 -9.47
C LYS B 164 12.67 -10.24 -7.93
N VAL B 165 11.67 -10.87 -7.30
CA VAL B 165 11.78 -11.02 -5.86
C VAL B 165 12.28 -12.42 -5.54
N GLU B 166 13.22 -12.51 -4.61
CA GLU B 166 13.85 -13.76 -4.26
C GLU B 166 13.56 -14.02 -2.78
N LEU B 167 12.74 -15.04 -2.53
CA LEU B 167 12.44 -15.46 -1.16
C LEU B 167 13.40 -16.58 -0.78
N LEU B 168 14.34 -16.24 0.10
CA LEU B 168 15.44 -17.10 0.53
C LEU B 168 15.03 -17.87 1.77
N PRO B 169 15.46 -19.14 1.90
CA PRO B 169 15.19 -19.91 3.10
C PRO B 169 16.36 -19.86 4.07
N GLU B 170 16.21 -20.54 5.21
CA GLU B 170 17.30 -20.77 6.14
C GLU B 170 17.44 -22.27 6.41
N ASN B 171 17.74 -23.01 5.34
CA ASN B 171 17.97 -24.45 5.40
C ASN B 171 18.62 -24.88 4.09
N SER B 172 19.76 -25.57 4.17
CA SER B 172 20.54 -25.91 2.99
C SER B 172 19.73 -26.79 2.04
N GLU B 173 18.85 -27.64 2.59
CA GLU B 173 18.05 -28.54 1.75
C GLU B 173 17.01 -27.78 0.92
N PHE B 174 16.81 -26.49 1.22
CA PHE B 174 15.84 -25.69 0.49
C PHE B 174 16.55 -24.74 -0.47
N LYS B 175 15.89 -24.46 -1.60
CA LYS B 175 16.47 -23.59 -2.62
C LYS B 175 15.61 -22.35 -2.75
N PRO B 176 16.25 -21.18 -2.97
CA PRO B 176 15.53 -19.91 -3.11
C PRO B 176 14.33 -20.02 -4.05
N ILE B 177 13.29 -19.24 -3.74
CA ILE B 177 12.14 -19.08 -4.62
C ILE B 177 12.36 -17.78 -5.39
N VAL B 178 12.06 -17.83 -6.71
CA VAL B 178 12.18 -16.66 -7.56
C VAL B 178 10.81 -16.36 -8.13
N VAL B 179 10.27 -15.20 -7.75
CA VAL B 179 8.98 -14.74 -8.25
C VAL B 179 9.23 -13.60 -9.23
N ASP B 180 8.52 -13.69 -10.37
CA ASP B 180 8.60 -12.72 -11.44
C ASP B 180 7.30 -11.94 -11.44
N LEU B 181 7.34 -10.71 -10.90
CA LEU B 181 6.12 -9.98 -10.61
C LEU B 181 5.22 -9.84 -11.84
N ARG B 182 5.80 -9.90 -13.05
CA ARG B 182 5.00 -9.90 -14.27
C ARG B 182 4.13 -11.16 -14.37
N GLN B 183 4.73 -12.34 -14.13
CA GLN B 183 4.06 -13.59 -14.45
C GLN B 183 3.12 -14.05 -13.33
N GLN B 184 3.47 -13.78 -12.07
CA GLN B 184 2.73 -14.34 -10.95
C GLN B 184 2.25 -13.24 -10.00
N SER B 185 1.27 -13.58 -9.16
CA SER B 185 0.79 -12.70 -8.10
C SER B 185 1.68 -12.79 -6.86
N PHE B 186 2.09 -11.64 -6.34
CA PHE B 186 2.93 -11.58 -5.15
C PHE B 186 2.47 -10.44 -4.25
N THR B 187 2.11 -10.79 -3.02
CA THR B 187 1.76 -9.81 -2.00
C THR B 187 2.61 -10.05 -0.76
N ILE B 188 2.79 -8.99 0.03
CA ILE B 188 3.46 -9.10 1.31
C ILE B 188 2.41 -8.92 2.39
N GLU B 189 2.23 -9.98 3.20
CA GLU B 189 1.19 -10.05 4.21
C GLU B 189 1.62 -9.41 5.54
N GLY B 190 2.92 -9.50 5.83
CA GLY B 190 3.43 -8.87 7.02
C GLY B 190 4.89 -9.21 7.31
N LEU B 191 5.36 -8.69 8.44
CA LEU B 191 6.73 -8.80 8.87
C LEU B 191 6.79 -9.73 10.08
N ALA B 192 7.77 -10.63 10.06
CA ALA B 192 7.98 -11.50 11.21
C ALA B 192 8.62 -10.71 12.34
N VAL B 193 7.95 -10.73 13.50
CA VAL B 193 8.40 -9.96 14.65
C VAL B 193 8.65 -10.86 15.85
N GLY B 194 8.36 -12.16 15.71
CA GLY B 194 8.74 -13.08 16.77
C GLY B 194 8.20 -14.49 16.54
N VAL B 195 8.35 -15.34 17.57
CA VAL B 195 7.89 -16.72 17.49
C VAL B 195 7.38 -17.15 18.87
N ILE B 196 6.20 -17.78 18.86
CA ILE B 196 5.69 -18.50 20.03
C ILE B 196 5.66 -19.99 19.72
N ARG B 197 6.37 -20.79 20.50
CA ARG B 197 6.29 -22.23 20.39
C ARG B 197 5.61 -22.82 21.64
N ASN B 198 4.33 -23.14 21.46
CA ASN B 198 3.56 -23.82 22.52
C ASN B 198 2.99 -25.05 21.81
N GLY B 199 2.40 -25.98 22.54
CA GLY B 199 1.92 -27.18 21.85
C GLY B 199 0.42 -27.20 21.66
N ASP B 200 -0.27 -28.17 22.25
CA ASP B 200 -1.74 -28.31 22.07
C ASP B 200 -2.45 -27.82 23.33
N TRP B 201 -1.76 -27.78 24.46
CA TRP B 201 -2.33 -27.21 25.72
C TRP B 201 -3.71 -27.76 26.10
N LEU B 202 -4.20 -28.81 25.44
CA LEU B 202 -5.47 -29.47 25.83
C LEU B 202 -5.63 -30.74 25.01
N GLN C 1 0.89 15.97 16.60
CA GLN C 1 2.28 15.96 17.14
C GLN C 1 2.30 15.19 18.46
N VAL C 2 3.25 14.25 18.58
CA VAL C 2 3.45 13.52 19.82
C VAL C 2 4.65 14.11 20.56
N GLN C 3 4.48 14.29 21.87
CA GLN C 3 5.55 14.80 22.71
C GLN C 3 5.68 13.94 23.97
N LEU C 4 6.91 13.90 24.49
CA LEU C 4 7.23 13.14 25.68
C LEU C 4 7.80 14.10 26.72
N VAL C 5 7.11 14.20 27.87
CA VAL C 5 7.46 15.14 28.93
C VAL C 5 8.05 14.37 30.09
N GLU C 6 9.30 14.71 30.47
CA GLU C 6 9.96 14.04 31.58
C GLU C 6 9.96 14.90 32.85
N SER C 7 10.01 14.23 34.01
CA SER C 7 10.20 14.86 35.30
C SER C 7 10.87 13.88 36.25
N GLY C 8 11.38 14.41 37.36
CA GLY C 8 12.17 13.64 38.31
C GLY C 8 13.66 13.88 38.12
N GLY C 9 14.47 13.06 38.78
CA GLY C 9 15.92 13.12 38.61
C GLY C 9 16.58 14.15 39.53
N GLY C 10 17.90 14.06 39.60
CA GLY C 10 18.69 14.95 40.42
C GLY C 10 19.90 14.23 41.01
N SER C 11 20.32 14.70 42.19
CA SER C 11 21.49 14.17 42.88
C SER C 11 21.07 13.35 44.09
N VAL C 12 21.82 12.27 44.30
CA VAL C 12 21.62 11.39 45.45
C VAL C 12 22.93 10.64 45.71
N GLN C 13 23.08 10.14 46.94
CA GLN C 13 24.24 9.38 47.35
C GLN C 13 23.93 7.88 47.24
N ALA C 14 24.91 7.04 47.60
CA ALA C 14 24.71 5.59 47.60
C ALA C 14 23.44 5.22 48.39
N GLY C 15 22.74 4.20 47.90
CA GLY C 15 21.38 3.94 48.34
C GLY C 15 20.43 4.96 47.73
N GLY C 16 19.50 5.47 48.56
CA GLY C 16 18.55 6.48 48.12
C GLY C 16 17.45 5.91 47.23
N SER C 17 16.58 6.80 46.73
CA SER C 17 15.42 6.38 45.97
C SER C 17 14.89 7.54 45.14
N LEU C 18 15.39 7.67 43.91
CA LEU C 18 14.90 8.70 43.02
C LEU C 18 13.79 8.14 42.11
N ARG C 19 12.81 8.99 41.80
CA ARG C 19 11.66 8.56 41.02
C ARG C 19 11.51 9.41 39.76
N LEU C 20 11.50 8.74 38.60
CA LEU C 20 11.34 9.39 37.30
C LEU C 20 9.90 9.22 36.82
N SER C 21 9.51 10.09 35.90
CA SER C 21 8.25 9.89 35.20
C SER C 21 8.32 10.53 33.80
N CYS C 22 7.61 9.92 32.85
CA CYS C 22 7.54 10.37 31.48
C CYS C 22 6.11 10.22 30.97
N ALA C 23 5.64 11.23 30.24
CA ALA C 23 4.23 11.28 29.86
C ALA C 23 4.09 11.67 28.39
N ALA C 24 3.29 10.89 27.67
CA ALA C 24 3.07 11.09 26.25
C ALA C 24 1.84 11.97 26.06
N SER C 25 1.91 12.88 25.08
CA SER C 25 0.78 13.75 24.80
C SER C 25 0.71 14.02 23.31
N GLY C 26 -0.48 14.45 22.89
CA GLY C 26 -0.74 14.76 21.49
C GLY C 26 -1.69 13.76 20.83
N SER C 27 -1.69 13.77 19.51
CA SER C 27 -2.56 12.97 18.67
C SER C 27 -2.09 11.51 18.65
N ILE C 28 -2.43 10.76 19.72
CA ILE C 28 -1.96 9.40 19.90
C ILE C 28 -3.10 8.42 19.70
N PHE C 29 -2.88 7.44 18.80
CA PHE C 29 -3.82 6.35 18.61
C PHE C 29 -3.53 5.20 19.57
N SER C 30 -2.25 4.84 19.77
CA SER C 30 -1.95 3.94 20.87
C SER C 30 -0.49 4.03 21.29
N ILE C 31 -0.26 3.84 22.60
CA ILE C 31 1.09 3.74 23.13
C ILE C 31 1.38 2.26 23.36
N ASN C 32 2.34 1.71 22.63
CA ASN C 32 2.58 0.27 22.69
C ASN C 32 3.55 -0.07 23.80
N ALA C 33 4.58 0.75 24.01
CA ALA C 33 5.47 0.55 25.15
C ALA C 33 6.20 1.84 25.46
N MET C 34 6.22 2.21 26.75
CA MET C 34 7.02 3.33 27.20
C MET C 34 8.18 2.77 28.02
N GLY C 35 9.17 3.61 28.30
CA GLY C 35 10.28 3.14 29.10
C GLY C 35 11.42 4.13 29.14
N TRP C 36 12.58 3.65 29.62
CA TRP C 36 13.74 4.47 29.90
C TRP C 36 15.02 3.79 29.44
N TYR C 37 15.87 4.61 28.79
CA TYR C 37 17.26 4.32 28.47
C TYR C 37 18.18 5.27 29.25
N ARG C 38 19.45 4.87 29.42
CA ARG C 38 20.44 5.72 30.07
C ARG C 38 21.68 5.83 29.20
N GLN C 39 22.23 7.05 29.15
CA GLN C 39 23.48 7.32 28.46
C GLN C 39 24.48 7.84 29.48
N ALA C 40 25.54 7.05 29.70
CA ALA C 40 26.64 7.44 30.55
C ALA C 40 27.77 7.98 29.68
N PRO C 41 28.37 9.14 30.04
CA PRO C 41 29.33 9.81 29.17
C PRO C 41 30.44 8.87 28.69
N GLY C 42 30.53 8.71 27.36
CA GLY C 42 31.59 7.91 26.78
C GLY C 42 31.13 6.53 26.30
N LYS C 43 30.18 5.89 27.00
CA LYS C 43 29.64 4.60 26.59
C LYS C 43 28.32 4.80 25.83
N GLN C 44 27.71 3.68 25.42
CA GLN C 44 26.55 3.74 24.55
C GLN C 44 25.26 3.95 25.34
N ARG C 45 24.19 4.24 24.60
CA ARG C 45 22.86 4.31 25.17
C ARG C 45 22.40 2.91 25.56
N GLU C 46 21.99 2.74 26.83
CA GLU C 46 21.55 1.45 27.33
C GLU C 46 20.08 1.54 27.76
N LEU C 47 19.34 0.44 27.55
CA LEU C 47 17.98 0.34 28.04
C LEU C 47 18.00 0.11 29.55
N VAL C 48 17.14 0.84 30.26
CA VAL C 48 17.03 0.66 31.70
C VAL C 48 15.79 -0.20 32.00
N ALA C 49 14.62 0.27 31.57
CA ALA C 49 13.40 -0.46 31.93
C ALA C 49 12.28 -0.13 30.99
N ALA C 50 11.57 -1.17 30.54
CA ALA C 50 10.46 -1.04 29.59
C ALA C 50 9.17 -1.56 30.20
N ILE C 51 8.06 -1.02 29.70
CA ILE C 51 6.75 -1.44 30.18
C ILE C 51 5.70 -1.20 29.09
N THR C 52 4.86 -2.23 28.86
CA THR C 52 3.85 -2.17 27.80
C THR C 52 2.54 -1.64 28.38
N ARG C 53 1.55 -1.50 27.49
CA ARG C 53 0.27 -0.96 27.92
C ARG C 53 -0.44 -1.96 28.82
N ARG C 54 -0.34 -3.26 28.49
CA ARG C 54 -1.03 -4.27 29.27
C ARG C 54 -0.19 -4.75 30.45
N GLY C 55 1.00 -4.17 30.66
CA GLY C 55 1.70 -4.36 31.92
C GLY C 55 2.93 -5.26 31.90
N SER C 56 3.33 -5.77 30.74
CA SER C 56 4.58 -6.52 30.70
C SER C 56 5.75 -5.55 30.94
N THR C 57 6.76 -6.04 31.65
CA THR C 57 7.89 -5.22 32.03
C THR C 57 9.17 -5.95 31.67
N ASN C 58 10.24 -5.18 31.50
CA ASN C 58 11.54 -5.77 31.20
C ASN C 58 12.61 -4.86 31.77
N TYR C 59 13.69 -5.48 32.29
CA TYR C 59 14.72 -4.78 33.03
C TYR C 59 16.09 -5.19 32.50
N ALA C 60 17.06 -4.27 32.60
CA ALA C 60 18.40 -4.54 32.10
C ALA C 60 19.19 -5.33 33.15
N ASP C 61 20.26 -6.01 32.69
CA ASP C 61 20.98 -6.92 33.55
C ASP C 61 21.60 -6.21 34.76
N PHE C 62 21.76 -4.90 34.70
CA PHE C 62 22.38 -4.16 35.80
C PHE C 62 21.37 -3.72 36.86
N VAL C 63 20.08 -3.58 36.51
CA VAL C 63 19.08 -3.36 37.54
C VAL C 63 18.67 -4.74 38.06
N LYS C 64 19.11 -5.01 39.28
CA LYS C 64 18.93 -6.29 39.92
C LYS C 64 17.84 -6.14 40.98
N GLY C 65 16.61 -5.96 40.50
CA GLY C 65 15.47 -5.80 41.37
C GLY C 65 15.57 -4.58 42.26
N ARG C 66 16.16 -3.50 41.75
CA ARG C 66 16.24 -2.24 42.48
C ARG C 66 15.28 -1.19 41.91
N PHE C 67 14.95 -1.31 40.62
CA PHE C 67 14.09 -0.35 39.95
C PHE C 67 12.74 -1.00 39.66
N THR C 68 11.70 -0.17 39.59
CA THR C 68 10.33 -0.62 39.44
C THR C 68 9.61 0.32 38.48
N ILE C 69 9.26 -0.21 37.31
CA ILE C 69 8.58 0.58 36.30
C ILE C 69 7.07 0.38 36.46
N SER C 70 6.34 1.48 36.32
CA SER C 70 4.89 1.49 36.52
C SER C 70 4.27 2.26 35.37
N ARG C 71 2.95 2.08 35.25
CA ARG C 71 2.22 2.77 34.20
C ARG C 71 0.91 3.30 34.77
N ASP C 72 0.45 4.40 34.18
CA ASP C 72 -0.85 4.98 34.46
C ASP C 72 -1.50 5.26 33.11
N ASN C 73 -2.39 4.36 32.71
CA ASN C 73 -2.95 4.40 31.38
C ASN C 73 -3.81 5.64 31.17
N ALA C 74 -4.54 6.04 32.23
CA ALA C 74 -5.36 7.25 32.16
C ALA C 74 -4.48 8.46 31.96
N LYS C 75 -3.47 8.62 32.83
CA LYS C 75 -2.54 9.74 32.75
C LYS C 75 -1.48 9.54 31.66
N ASN C 76 -1.61 8.47 30.86
CA ASN C 76 -0.67 8.17 29.77
C ASN C 76 0.78 8.33 30.22
N THR C 77 1.06 7.92 31.46
CA THR C 77 2.35 8.19 32.07
C THR C 77 3.03 6.87 32.45
N VAL C 78 4.36 6.97 32.60
CA VAL C 78 5.19 5.88 33.03
C VAL C 78 6.10 6.38 34.16
N TYR C 79 6.35 5.52 35.14
CA TYR C 79 7.14 5.90 36.30
C TYR C 79 8.26 4.89 36.52
N LEU C 80 9.42 5.39 36.95
CA LEU C 80 10.54 4.53 37.33
C LEU C 80 10.98 4.85 38.76
N GLN C 81 10.60 3.99 39.71
CA GLN C 81 11.11 4.05 41.06
C GLN C 81 12.46 3.36 41.10
N MET C 82 13.54 4.13 41.28
CA MET C 82 14.86 3.51 41.38
C MET C 82 15.45 3.74 42.76
N ASN C 83 15.61 2.63 43.52
CA ASN C 83 16.27 2.65 44.81
C ASN C 83 17.60 1.89 44.74
N SER C 84 18.37 2.00 45.83
CA SER C 84 19.67 1.36 45.95
C SER C 84 20.56 1.81 44.80
N LEU C 85 20.66 3.14 44.64
CA LEU C 85 21.46 3.70 43.56
C LEU C 85 22.96 3.57 43.85
N LYS C 86 23.75 3.72 42.80
CA LYS C 86 25.19 3.44 42.83
C LYS C 86 25.90 4.49 41.99
N PRO C 87 27.21 4.70 42.23
CA PRO C 87 27.98 5.65 41.43
C PRO C 87 27.80 5.28 39.96
N GLU C 88 27.91 3.99 39.63
CA GLU C 88 27.85 3.52 38.25
C GLU C 88 26.46 3.75 37.62
N ASP C 89 25.46 4.13 38.43
CA ASP C 89 24.15 4.43 37.84
C ASP C 89 24.10 5.83 37.25
N THR C 90 25.06 6.70 37.59
CA THR C 90 25.00 8.08 37.12
C THR C 90 25.00 8.11 35.59
N ALA C 91 24.04 8.87 35.04
CA ALA C 91 23.83 8.98 33.60
C ALA C 91 22.66 9.92 33.29
N VAL C 92 22.45 10.15 31.99
CA VAL C 92 21.28 10.87 31.52
C VAL C 92 20.24 9.84 31.09
N TYR C 93 19.06 9.92 31.71
CA TYR C 93 17.98 8.99 31.45
C TYR C 93 17.01 9.60 30.44
N TYR C 94 17.02 9.04 29.23
CA TYR C 94 16.11 9.44 28.16
C TYR C 94 14.88 8.55 28.18
N CYS C 95 13.70 9.18 28.17
CA CYS C 95 12.47 8.44 27.95
C CYS C 95 12.42 7.96 26.50
N LYS C 96 11.87 6.76 26.30
CA LYS C 96 11.62 6.24 24.96
C LYS C 96 10.19 5.70 24.91
N ALA C 97 9.55 5.81 23.75
CA ALA C 97 8.21 5.29 23.60
C ALA C 97 7.97 4.84 22.16
N ARG C 98 7.19 3.76 22.01
CA ARG C 98 6.65 3.37 20.72
C ARG C 98 5.21 3.85 20.66
N ILE C 99 4.91 4.77 19.73
CA ILE C 99 3.57 5.27 19.58
C ILE C 99 3.12 5.05 18.14
N GLU C 100 1.86 4.64 17.98
CA GLU C 100 1.14 4.82 16.73
C GLU C 100 0.42 6.15 16.88
N PRO C 101 0.81 7.20 16.12
CA PRO C 101 0.09 8.47 16.15
C PRO C 101 -1.20 8.42 15.35
N ASP C 102 -2.05 9.43 15.56
CA ASP C 102 -3.38 9.48 14.96
C ASP C 102 -3.34 9.25 13.44
N SER C 103 -2.45 9.99 12.78
CA SER C 103 -2.25 9.89 11.33
C SER C 103 -2.10 8.44 10.88
N SER C 104 -1.15 7.74 11.50
CA SER C 104 -0.68 6.45 11.02
C SER C 104 -1.09 5.39 12.04
N TRP C 105 -2.30 4.83 11.85
CA TRP C 105 -2.70 3.64 12.58
C TRP C 105 -2.00 2.45 11.95
N GLY C 106 -1.38 1.62 12.81
CA GLY C 106 -0.69 0.42 12.32
C GLY C 106 0.80 0.66 12.06
N THR C 107 1.17 1.85 11.58
CA THR C 107 2.56 2.25 11.60
C THR C 107 2.88 2.80 13.00
N GLU C 108 4.04 2.40 13.51
CA GLU C 108 4.50 2.80 14.82
C GLU C 108 5.89 3.47 14.70
N TYR C 109 6.08 4.58 15.41
CA TYR C 109 7.34 5.31 15.41
C TYR C 109 7.93 5.36 16.82
N GLU C 110 9.27 5.47 16.90
CA GLU C 110 9.95 5.63 18.18
C GLU C 110 10.09 7.13 18.49
N TYR C 111 9.67 7.48 19.70
CA TYR C 111 9.73 8.89 20.13
C TYR C 111 10.65 8.95 21.34
N TRP C 112 11.44 10.00 21.46
CA TRP C 112 12.43 10.09 22.56
C TRP C 112 12.17 11.35 23.40
N GLY C 113 12.57 11.32 24.67
CA GLY C 113 12.45 12.51 25.54
C GLY C 113 13.74 13.31 25.50
N GLN C 114 13.77 14.46 26.17
CA GLN C 114 14.97 15.32 26.07
C GLN C 114 16.09 14.80 26.97
N GLY C 115 15.74 14.14 28.07
CA GLY C 115 16.76 13.55 28.94
C GLY C 115 16.74 14.11 30.35
N THR C 116 17.14 13.31 31.33
CA THR C 116 17.17 13.77 32.70
C THR C 116 18.52 13.41 33.30
N GLN C 117 19.17 14.39 33.95
CA GLN C 117 20.40 14.09 34.66
C GLN C 117 20.08 13.33 35.94
N VAL C 118 20.76 12.20 36.13
CA VAL C 118 20.70 11.48 37.40
C VAL C 118 22.13 11.23 37.84
N THR C 119 22.48 11.86 38.98
CA THR C 119 23.85 11.86 39.45
C THR C 119 23.94 11.10 40.77
N VAL C 120 24.78 10.06 40.78
CA VAL C 120 25.19 9.38 41.99
C VAL C 120 26.69 9.15 41.90
N GLN D 1 -11.39 -35.59 44.73
CA GLN D 1 -12.59 -35.90 43.93
C GLN D 1 -12.94 -34.73 43.02
N VAL D 2 -12.76 -34.92 41.71
CA VAL D 2 -13.18 -33.92 40.74
C VAL D 2 -13.80 -34.60 39.52
N GLN D 3 -14.69 -33.87 38.84
CA GLN D 3 -15.57 -34.48 37.87
C GLN D 3 -15.90 -33.49 36.76
N LEU D 4 -16.07 -34.07 35.55
CA LEU D 4 -16.55 -33.31 34.40
C LEU D 4 -17.98 -33.72 34.10
N VAL D 5 -18.92 -32.85 34.49
CA VAL D 5 -20.32 -33.03 34.18
C VAL D 5 -20.58 -32.43 32.80
N GLU D 6 -20.87 -33.31 31.82
CA GLU D 6 -21.26 -32.87 30.49
C GLU D 6 -22.75 -32.51 30.45
N SER D 7 -23.16 -31.76 29.42
CA SER D 7 -24.54 -31.33 29.27
C SER D 7 -24.78 -30.89 27.83
N GLY D 8 -25.46 -31.73 27.05
CA GLY D 8 -26.04 -31.32 25.78
C GLY D 8 -25.75 -32.31 24.65
N GLY D 9 -26.27 -31.99 23.46
CA GLY D 9 -25.94 -32.77 22.27
C GLY D 9 -27.16 -33.45 21.67
N GLY D 10 -26.90 -34.58 21.01
CA GLY D 10 -27.95 -35.34 20.33
C GLY D 10 -27.82 -35.22 18.82
N SER D 11 -28.97 -35.11 18.14
CA SER D 11 -29.00 -35.09 16.69
C SER D 11 -29.50 -33.76 16.14
N VAL D 12 -28.91 -33.36 15.01
CA VAL D 12 -29.52 -32.36 14.14
C VAL D 12 -29.31 -32.79 12.69
N GLN D 13 -29.93 -32.01 11.78
CA GLN D 13 -29.65 -32.20 10.37
C GLN D 13 -28.61 -31.16 9.96
N ALA D 14 -28.10 -31.30 8.73
CA ALA D 14 -27.02 -30.46 8.24
C ALA D 14 -27.34 -28.99 8.48
N GLY D 15 -26.28 -28.19 8.67
CA GLY D 15 -26.41 -26.77 8.92
C GLY D 15 -27.05 -26.48 10.27
N GLY D 16 -27.23 -27.51 11.11
CA GLY D 16 -27.87 -27.32 12.39
C GLY D 16 -26.90 -26.87 13.48
N SER D 17 -27.42 -26.13 14.48
CA SER D 17 -26.65 -25.72 15.63
C SER D 17 -26.83 -26.73 16.76
N LEU D 18 -25.94 -26.68 17.75
CA LEU D 18 -26.02 -27.53 18.93
C LEU D 18 -25.05 -26.99 20.00
N ARG D 19 -25.59 -26.71 21.19
CA ARG D 19 -24.82 -26.19 22.31
C ARG D 19 -24.35 -27.38 23.16
N LEU D 20 -23.06 -27.38 23.49
CA LEU D 20 -22.47 -28.32 24.43
C LEU D 20 -22.01 -27.55 25.65
N SER D 21 -22.02 -28.22 26.80
CA SER D 21 -21.60 -27.58 28.04
C SER D 21 -20.88 -28.61 28.90
N CYS D 22 -19.96 -28.15 29.74
CA CYS D 22 -19.18 -29.01 30.59
C CYS D 22 -18.68 -28.24 31.80
N ALA D 23 -18.95 -28.78 33.00
CA ALA D 23 -18.50 -28.15 34.23
C ALA D 23 -17.60 -29.09 35.02
N ALA D 24 -16.74 -28.46 35.84
CA ALA D 24 -15.78 -29.20 36.64
C ALA D 24 -16.08 -28.94 38.11
N SER D 25 -16.38 -30.03 38.84
CA SER D 25 -16.77 -29.90 40.24
C SER D 25 -15.87 -30.76 41.10
N GLY D 26 -15.53 -30.23 42.28
CA GLY D 26 -14.87 -31.04 43.29
C GLY D 26 -13.74 -30.26 43.95
N SER D 27 -12.77 -31.01 44.49
CA SER D 27 -11.66 -30.45 45.22
C SER D 27 -10.62 -29.87 44.25
N ILE D 28 -10.95 -28.72 43.67
CA ILE D 28 -10.13 -28.11 42.64
C ILE D 28 -9.38 -26.92 43.24
N PHE D 29 -8.08 -26.86 42.92
CA PHE D 29 -7.25 -25.73 43.24
C PHE D 29 -7.17 -24.76 42.06
N SER D 30 -7.09 -25.31 40.85
CA SER D 30 -6.90 -24.50 39.65
C SER D 30 -7.38 -25.28 38.43
N ILE D 31 -8.22 -24.61 37.63
CA ILE D 31 -8.52 -25.12 36.30
C ILE D 31 -7.60 -24.41 35.33
N ASN D 32 -6.69 -25.18 34.74
CA ASN D 32 -5.75 -24.64 33.76
C ASN D 32 -6.38 -24.58 32.38
N ALA D 33 -7.12 -25.62 31.95
CA ALA D 33 -7.78 -25.48 30.65
C ALA D 33 -8.90 -26.49 30.47
N MET D 34 -10.09 -26.04 30.02
CA MET D 34 -11.12 -27.00 29.65
C MET D 34 -11.47 -26.88 28.17
N GLY D 35 -12.03 -27.97 27.65
CA GLY D 35 -12.50 -27.96 26.28
C GLY D 35 -13.08 -29.30 25.87
N TRP D 36 -13.06 -29.56 24.56
CA TRP D 36 -13.69 -30.74 23.96
C TRP D 36 -12.76 -31.40 22.94
N TYR D 37 -12.70 -32.74 23.03
CA TYR D 37 -12.18 -33.65 22.02
C TYR D 37 -13.35 -34.40 21.34
N ARG D 38 -13.02 -35.23 20.34
CA ARG D 38 -14.03 -36.05 19.70
C ARG D 38 -13.42 -37.33 19.15
N GLN D 39 -14.24 -38.40 19.12
CA GLN D 39 -13.83 -39.68 18.60
C GLN D 39 -14.88 -40.16 17.61
N ALA D 40 -14.46 -40.38 16.36
CA ALA D 40 -15.31 -41.07 15.41
C ALA D 40 -14.93 -42.55 15.35
N PRO D 41 -15.92 -43.46 15.22
CA PRO D 41 -15.66 -44.89 15.00
C PRO D 41 -14.53 -45.19 14.03
N GLY D 42 -13.50 -45.88 14.53
CA GLY D 42 -12.36 -46.30 13.74
C GLY D 42 -11.21 -45.30 13.82
N LYS D 43 -11.55 -44.00 13.88
CA LYS D 43 -10.54 -42.94 13.93
C LYS D 43 -10.18 -42.63 15.38
N GLN D 44 -9.12 -41.84 15.55
CA GLN D 44 -8.62 -41.52 16.88
C GLN D 44 -9.33 -40.30 17.46
N ARG D 45 -8.99 -39.99 18.72
CA ARG D 45 -9.51 -38.82 19.41
C ARG D 45 -8.77 -37.58 18.91
N GLU D 46 -9.53 -36.54 18.52
CA GLU D 46 -8.95 -35.28 18.09
C GLU D 46 -9.54 -34.12 18.89
N LEU D 47 -8.71 -33.11 19.16
CA LEU D 47 -9.16 -31.89 19.79
C LEU D 47 -10.19 -31.21 18.90
N VAL D 48 -11.25 -30.71 19.54
CA VAL D 48 -12.21 -29.85 18.88
C VAL D 48 -11.96 -28.40 19.28
N ALA D 49 -11.95 -28.11 20.58
CA ALA D 49 -11.92 -26.73 21.03
C ALA D 49 -11.34 -26.67 22.44
N ALA D 50 -10.64 -25.58 22.75
CA ALA D 50 -10.08 -25.43 24.08
C ALA D 50 -10.08 -23.97 24.51
N ILE D 51 -10.18 -23.78 25.83
CA ILE D 51 -10.21 -22.45 26.43
C ILE D 51 -9.49 -22.51 27.78
N THR D 52 -8.73 -21.45 28.03
CA THR D 52 -8.03 -21.28 29.31
C THR D 52 -8.91 -20.39 30.20
N ARG D 53 -8.45 -20.10 31.42
CA ARG D 53 -9.23 -19.25 32.35
C ARG D 53 -9.11 -17.79 31.91
N ARG D 54 -8.01 -17.44 31.24
CA ARG D 54 -7.75 -16.04 30.84
C ARG D 54 -8.49 -15.75 29.53
N GLY D 55 -8.93 -16.79 28.82
CA GLY D 55 -9.75 -16.57 27.63
C GLY D 55 -9.04 -16.97 26.34
N SER D 56 -7.92 -17.67 26.45
CA SER D 56 -7.26 -18.13 25.23
C SER D 56 -8.08 -19.27 24.62
N THR D 57 -8.28 -19.22 23.30
CA THR D 57 -9.05 -20.24 22.62
C THR D 57 -8.23 -20.87 21.50
N ASN D 58 -8.44 -22.18 21.31
CA ASN D 58 -7.86 -22.89 20.18
C ASN D 58 -8.93 -23.78 19.56
N TYR D 59 -8.87 -23.91 18.23
CA TYR D 59 -9.79 -24.74 17.48
C TYR D 59 -8.99 -25.58 16.49
N ALA D 60 -9.57 -26.70 16.04
CA ALA D 60 -8.94 -27.55 15.05
C ALA D 60 -9.20 -27.03 13.64
N ASP D 61 -8.62 -27.70 12.63
CA ASP D 61 -8.92 -27.32 11.26
C ASP D 61 -10.41 -27.42 10.98
N PHE D 62 -11.04 -28.58 11.24
CA PHE D 62 -12.38 -28.86 10.77
C PHE D 62 -13.40 -27.81 11.23
N VAL D 63 -13.18 -27.20 12.39
CA VAL D 63 -14.00 -26.07 12.79
C VAL D 63 -13.45 -24.84 12.08
N LYS D 64 -14.22 -24.37 11.09
CA LYS D 64 -13.80 -23.18 10.36
C LYS D 64 -14.65 -22.01 10.81
N GLY D 65 -14.45 -21.60 12.06
CA GLY D 65 -15.18 -20.45 12.58
C GLY D 65 -16.66 -20.74 12.76
N ARG D 66 -17.06 -22.03 12.81
CA ARG D 66 -18.45 -22.38 13.03
C ARG D 66 -18.72 -22.73 14.50
N PHE D 67 -17.68 -23.06 15.27
CA PHE D 67 -17.87 -23.36 16.70
C PHE D 67 -17.32 -22.21 17.54
N THR D 68 -17.92 -21.98 18.72
CA THR D 68 -17.40 -20.96 19.62
C THR D 68 -17.40 -21.46 21.07
N ILE D 69 -16.19 -21.54 21.65
CA ILE D 69 -16.00 -21.97 23.03
C ILE D 69 -15.91 -20.74 23.93
N SER D 70 -16.58 -20.81 25.08
CA SER D 70 -16.67 -19.71 26.01
C SER D 70 -16.69 -20.30 27.42
N ARG D 71 -16.51 -19.42 28.42
CA ARG D 71 -16.38 -19.92 29.77
C ARG D 71 -17.05 -18.97 30.77
N ASP D 72 -17.45 -19.56 31.89
CA ASP D 72 -17.90 -18.88 33.09
C ASP D 72 -17.00 -19.41 34.20
N ASN D 73 -15.99 -18.59 34.56
CA ASN D 73 -15.00 -18.96 35.57
C ASN D 73 -15.64 -19.13 36.95
N ALA D 74 -16.69 -18.31 37.23
CA ALA D 74 -17.41 -18.37 38.49
C ALA D 74 -18.29 -19.62 38.57
N LYS D 75 -18.69 -20.16 37.41
CA LYS D 75 -19.46 -21.39 37.38
C LYS D 75 -18.59 -22.59 36.99
N ASN D 76 -17.28 -22.37 36.82
CA ASN D 76 -16.36 -23.44 36.42
C ASN D 76 -16.91 -24.23 35.24
N THR D 77 -17.50 -23.52 34.27
CA THR D 77 -18.16 -24.21 33.18
C THR D 77 -17.73 -23.61 31.84
N VAL D 78 -17.65 -24.47 30.83
CA VAL D 78 -17.36 -24.03 29.47
C VAL D 78 -18.49 -24.49 28.56
N TYR D 79 -18.75 -23.69 27.52
CA TYR D 79 -19.81 -23.96 26.55
C TYR D 79 -19.23 -23.86 25.15
N LEU D 80 -19.63 -24.81 24.28
CA LEU D 80 -19.25 -24.76 22.88
C LEU D 80 -20.50 -24.67 22.03
N GLN D 81 -20.64 -23.57 21.29
CA GLN D 81 -21.73 -23.42 20.34
C GLN D 81 -21.25 -23.94 18.99
N MET D 82 -21.67 -25.16 18.63
CA MET D 82 -21.43 -25.65 17.27
C MET D 82 -22.55 -25.16 16.34
N ASN D 83 -22.22 -24.76 15.10
CA ASN D 83 -23.18 -23.96 14.36
C ASN D 83 -23.56 -24.47 12.98
N SER D 84 -22.60 -24.95 12.19
CA SER D 84 -22.95 -25.35 10.84
C SER D 84 -22.66 -26.83 10.65
N LEU D 85 -23.27 -27.66 11.49
CA LEU D 85 -22.91 -29.06 11.64
C LEU D 85 -22.96 -29.78 10.29
N LYS D 86 -21.91 -30.56 10.03
CA LYS D 86 -21.83 -31.40 8.85
C LYS D 86 -21.90 -32.86 9.30
N PRO D 87 -22.30 -33.78 8.40
CA PRO D 87 -22.25 -35.20 8.72
C PRO D 87 -20.87 -35.70 9.15
N GLU D 88 -19.80 -34.96 8.78
CA GLU D 88 -18.44 -35.26 9.21
C GLU D 88 -18.23 -35.00 10.69
N ASP D 89 -19.17 -34.29 11.33
CA ASP D 89 -19.06 -33.89 12.73
C ASP D 89 -19.62 -34.95 13.69
N THR D 90 -20.17 -36.04 13.15
CA THR D 90 -20.77 -37.09 13.95
C THR D 90 -19.68 -37.84 14.71
N ALA D 91 -19.74 -37.79 16.04
CA ALA D 91 -18.75 -38.45 16.88
C ALA D 91 -19.20 -38.35 18.33
N VAL D 92 -18.48 -39.08 19.18
CA VAL D 92 -18.59 -38.87 20.61
C VAL D 92 -17.65 -37.72 20.99
N TYR D 93 -18.20 -36.76 21.74
CA TYR D 93 -17.50 -35.56 22.14
C TYR D 93 -17.25 -35.63 23.64
N TYR D 94 -16.00 -35.91 24.01
CA TYR D 94 -15.59 -36.01 25.39
C TYR D 94 -15.03 -34.67 25.84
N CYS D 95 -15.65 -34.10 26.87
CA CYS D 95 -15.06 -32.94 27.54
C CYS D 95 -13.74 -33.35 28.18
N LYS D 96 -12.71 -32.49 28.04
CA LYS D 96 -11.41 -32.74 28.65
C LYS D 96 -10.97 -31.52 29.44
N ALA D 97 -10.19 -31.75 30.50
CA ALA D 97 -9.82 -30.67 31.40
C ALA D 97 -8.42 -30.91 31.98
N ARG D 98 -7.66 -29.82 32.10
CA ARG D 98 -6.36 -29.83 32.76
C ARG D 98 -6.56 -29.10 34.09
N ILE D 99 -6.45 -29.86 35.20
CA ILE D 99 -6.84 -29.37 36.52
C ILE D 99 -5.79 -29.77 37.55
N GLU D 100 -5.38 -28.79 38.36
CA GLU D 100 -4.66 -29.07 39.59
C GLU D 100 -5.70 -29.28 40.69
N PRO D 101 -5.89 -30.52 41.21
CA PRO D 101 -6.80 -30.71 42.34
C PRO D 101 -6.07 -30.30 43.60
N ASP D 102 -6.78 -29.78 44.62
CA ASP D 102 -6.07 -29.33 45.81
C ASP D 102 -5.44 -30.52 46.55
N SER D 103 -5.88 -31.74 46.23
CA SER D 103 -5.20 -32.95 46.67
C SER D 103 -3.69 -32.86 46.39
N SER D 104 -3.35 -32.53 45.14
CA SER D 104 -1.99 -32.58 44.63
C SER D 104 -1.55 -31.19 44.18
N TRP D 105 -1.06 -30.39 45.14
CA TRP D 105 -0.73 -29.00 44.87
C TRP D 105 0.47 -28.91 43.94
N GLY D 106 0.32 -28.19 42.82
CA GLY D 106 1.42 -28.00 41.89
C GLY D 106 1.36 -28.93 40.68
N THR D 107 0.92 -30.17 40.90
CA THR D 107 0.75 -31.11 39.79
C THR D 107 -0.63 -30.92 39.17
N GLU D 108 -0.67 -30.88 37.83
CA GLU D 108 -1.95 -30.93 37.11
C GLU D 108 -2.18 -32.33 36.55
N TYR D 109 -3.45 -32.66 36.32
CA TYR D 109 -3.82 -33.94 35.74
C TYR D 109 -4.87 -33.70 34.66
N GLU D 110 -4.96 -34.67 33.74
CA GLU D 110 -6.00 -34.69 32.73
C GLU D 110 -7.22 -35.40 33.30
N TYR D 111 -8.38 -34.77 33.09
CA TYR D 111 -9.68 -35.32 33.46
C TYR D 111 -10.55 -35.39 32.21
N TRP D 112 -11.37 -36.43 32.15
CA TRP D 112 -12.24 -36.68 31.02
C TRP D 112 -13.70 -36.76 31.46
N GLY D 113 -14.60 -36.59 30.50
CA GLY D 113 -16.02 -36.73 30.74
C GLY D 113 -16.53 -38.06 30.18
N GLN D 114 -17.81 -38.33 30.45
CA GLN D 114 -18.50 -39.52 30.01
C GLN D 114 -18.42 -39.66 28.48
N GLY D 115 -18.67 -38.53 27.80
CA GLY D 115 -18.80 -38.50 26.35
C GLY D 115 -20.27 -38.26 25.98
N THR D 116 -20.53 -37.22 25.17
CA THR D 116 -21.86 -37.06 24.60
C THR D 116 -21.79 -37.22 23.08
N GLN D 117 -22.75 -37.95 22.53
CA GLN D 117 -22.81 -38.20 21.11
C GLN D 117 -23.48 -37.02 20.40
N VAL D 118 -22.78 -36.57 19.34
CA VAL D 118 -23.34 -35.61 18.41
C VAL D 118 -23.48 -36.32 17.08
N THR D 119 -24.72 -36.31 16.56
CA THR D 119 -25.05 -36.94 15.29
C THR D 119 -25.66 -35.90 14.35
N VAL D 120 -25.17 -35.88 13.11
CA VAL D 120 -25.64 -34.98 12.08
C VAL D 120 -26.12 -35.83 10.90
N SER D 121 -27.32 -35.52 10.37
CA SER D 121 -28.02 -36.45 9.50
C SER D 121 -28.42 -35.82 8.17
N SER D 122 -29.21 -36.57 7.38
CA SER D 122 -29.83 -36.08 6.15
C SER D 122 -31.16 -36.81 5.92
N HIS D 123 -32.28 -36.13 6.21
CA HIS D 123 -33.66 -36.64 6.18
C HIS D 123 -33.77 -38.06 5.60
N GLY E 75 -7.85 10.74 -35.00
CA GLY E 75 -7.81 11.88 -33.99
C GLY E 75 -6.84 12.96 -34.41
N LEU E 76 -6.19 13.65 -33.45
CA LEU E 76 -5.29 14.75 -33.78
C LEU E 76 -4.02 14.21 -34.41
N PRO E 77 -3.63 14.68 -35.61
CA PRO E 77 -2.31 14.35 -36.16
C PRO E 77 -1.16 14.92 -35.33
N LEU E 78 0.00 14.26 -35.43
CA LEU E 78 1.20 14.63 -34.71
C LEU E 78 2.26 15.05 -35.73
N VAL E 79 2.46 16.35 -35.89
CA VAL E 79 3.49 16.90 -36.75
C VAL E 79 4.78 17.03 -35.95
N GLY E 80 5.84 16.40 -36.45
CA GLY E 80 7.13 16.47 -35.80
C GLY E 80 8.02 17.59 -36.32
N ARG E 81 9.13 17.16 -36.94
CA ARG E 81 10.03 18.14 -37.59
C ARG E 81 9.53 18.32 -39.01
N VAL E 82 9.37 19.55 -39.45
CA VAL E 82 8.86 19.85 -40.76
C VAL E 82 10.04 20.19 -41.66
N ALA E 83 10.16 19.43 -42.77
CA ALA E 83 11.18 19.69 -43.76
C ALA E 83 10.93 21.07 -44.39
N ALA E 84 12.01 21.78 -44.74
CA ALA E 84 11.89 23.07 -45.41
C ALA E 84 11.07 22.94 -46.69
N GLY E 85 10.26 23.96 -46.98
CA GLY E 85 9.43 24.01 -48.18
C GLY E 85 8.11 23.27 -48.00
N GLU E 86 8.17 22.12 -47.34
CA GLU E 86 7.02 21.22 -47.29
C GLU E 86 5.95 21.79 -46.37
N PRO E 87 4.66 21.52 -46.64
CA PRO E 87 3.60 21.93 -45.71
C PRO E 87 3.68 21.12 -44.42
N LEU E 88 3.09 21.67 -43.34
CA LEU E 88 3.17 21.02 -42.05
C LEU E 88 2.56 19.62 -42.09
N LEU E 89 1.31 19.50 -42.57
CA LEU E 89 0.56 18.25 -42.48
C LEU E 89 1.01 17.23 -43.55
N ALA E 90 2.17 17.46 -44.19
CA ALA E 90 2.69 16.50 -45.15
C ALA E 90 2.71 15.10 -44.55
N GLN E 91 2.29 14.09 -45.31
CA GLN E 91 2.10 12.73 -44.83
C GLN E 91 3.31 12.21 -44.07
N GLN E 92 4.52 12.58 -44.52
CA GLN E 92 5.75 12.03 -43.95
C GLN E 92 6.26 12.87 -42.78
N HIS E 93 5.48 13.87 -42.35
CA HIS E 93 5.72 14.58 -41.09
C HIS E 93 4.83 14.05 -39.96
N ILE E 94 3.82 13.22 -40.27
CA ILE E 94 2.81 12.82 -39.31
C ILE E 94 3.30 11.58 -38.59
N GLU E 95 3.79 11.78 -37.35
CA GLU E 95 4.31 10.68 -36.57
C GLU E 95 3.28 10.22 -35.52
N GLY E 96 2.02 10.14 -35.94
CA GLY E 96 1.03 9.50 -35.11
C GLY E 96 -0.29 10.25 -35.11
N HIS E 97 -1.32 9.64 -34.53
CA HIS E 97 -2.60 10.29 -34.29
C HIS E 97 -3.05 10.03 -32.85
N TYR E 98 -3.37 11.12 -32.13
CA TYR E 98 -3.71 11.04 -30.72
C TYR E 98 -5.21 11.20 -30.51
N GLN E 99 -5.71 10.40 -29.57
CA GLN E 99 -7.14 10.34 -29.32
C GLN E 99 -7.49 11.32 -28.22
N VAL E 100 -7.39 12.61 -28.57
CA VAL E 100 -7.73 13.69 -27.66
C VAL E 100 -8.85 14.50 -28.27
N ASP E 101 -9.88 14.75 -27.47
CA ASP E 101 -11.06 15.50 -27.90
C ASP E 101 -10.63 16.88 -28.36
N PRO E 102 -10.72 17.18 -29.68
CA PRO E 102 -10.19 18.43 -30.21
C PRO E 102 -10.84 19.63 -29.55
N SER E 103 -12.15 19.51 -29.30
CA SER E 103 -12.92 20.62 -28.74
C SER E 103 -12.65 20.85 -27.25
N LEU E 104 -11.78 20.05 -26.60
CA LEU E 104 -11.20 20.44 -25.33
C LEU E 104 -10.36 21.72 -25.46
N PHE E 105 -10.07 22.16 -26.69
CA PHE E 105 -9.30 23.39 -26.89
C PHE E 105 -10.17 24.43 -27.59
N LYS E 106 -9.92 25.70 -27.27
CA LYS E 106 -10.74 26.79 -27.78
C LYS E 106 -9.85 27.84 -28.44
N PRO E 107 -9.89 27.99 -29.78
CA PRO E 107 -10.69 27.13 -30.67
C PRO E 107 -10.11 25.73 -30.86
N ASN E 108 -10.69 24.97 -31.79
CA ASN E 108 -10.40 23.54 -31.92
C ASN E 108 -8.93 23.27 -32.17
N ALA E 109 -8.42 22.19 -31.58
CA ALA E 109 -7.14 21.65 -31.96
C ALA E 109 -7.28 20.98 -33.34
N ASP E 110 -6.48 21.44 -34.29
CA ASP E 110 -6.38 20.82 -35.60
C ASP E 110 -5.23 19.81 -35.59
N PHE E 111 -4.09 20.18 -35.00
CA PHE E 111 -2.98 19.24 -34.95
C PHE E 111 -2.15 19.50 -33.70
N LEU E 112 -1.24 18.56 -33.43
CA LEU E 112 -0.25 18.70 -32.37
C LEU E 112 1.14 18.80 -32.99
N LEU E 113 1.91 19.81 -32.63
CA LEU E 113 3.25 20.05 -33.14
C LEU E 113 4.28 19.79 -32.05
N ARG E 114 5.27 18.94 -32.32
CA ARG E 114 6.33 18.68 -31.35
C ARG E 114 7.21 19.93 -31.20
N VAL E 115 7.30 20.41 -29.96
CA VAL E 115 8.11 21.59 -29.69
C VAL E 115 9.59 21.20 -29.71
N SER E 116 10.40 22.05 -30.35
CA SER E 116 11.85 21.91 -30.29
C SER E 116 12.46 23.16 -29.68
N GLY E 117 13.04 23.03 -28.48
CA GLY E 117 13.73 24.15 -27.87
C GLY E 117 13.08 24.59 -26.58
N MET E 118 13.87 25.34 -25.80
CA MET E 118 13.39 25.89 -24.54
C MET E 118 13.13 27.39 -24.70
N SER E 119 12.79 27.78 -25.94
CA SER E 119 12.59 29.17 -26.34
C SER E 119 11.37 29.77 -25.65
N MET E 120 10.53 28.91 -25.03
CA MET E 120 9.22 29.33 -24.57
C MET E 120 8.97 28.86 -23.12
N LYS E 121 10.02 28.36 -22.46
CA LYS E 121 9.91 27.61 -21.21
C LYS E 121 9.26 28.43 -20.10
N ASP E 122 9.41 29.75 -20.13
CA ASP E 122 8.84 30.58 -19.09
C ASP E 122 7.32 30.53 -19.04
N ILE E 123 6.65 30.10 -20.11
CA ILE E 123 5.23 29.89 -20.03
C ILE E 123 4.85 28.41 -20.04
N GLY E 124 5.85 27.51 -19.96
CA GLY E 124 5.59 26.10 -19.79
C GLY E 124 5.56 25.31 -21.10
N ILE E 125 6.07 25.89 -22.19
CA ILE E 125 6.23 25.15 -23.43
C ILE E 125 7.67 24.65 -23.44
N MET E 126 7.85 23.42 -22.92
CA MET E 126 9.17 22.82 -22.84
C MET E 126 9.40 21.93 -24.06
N ASP E 127 10.68 21.65 -24.34
CA ASP E 127 11.13 20.73 -25.37
C ASP E 127 10.35 19.42 -25.27
N GLY E 128 10.07 18.83 -26.43
CA GLY E 128 9.31 17.60 -26.50
C GLY E 128 7.82 17.73 -26.18
N ASP E 129 7.35 18.88 -25.70
CA ASP E 129 5.92 19.06 -25.51
C ASP E 129 5.21 19.01 -26.87
N LEU E 130 3.98 18.50 -26.91
CA LEU E 130 3.14 18.65 -28.08
C LEU E 130 2.25 19.89 -27.95
N LEU E 131 2.42 20.85 -28.87
CA LEU E 131 1.62 22.07 -28.89
C LEU E 131 0.32 21.80 -29.64
N ALA E 132 -0.82 22.20 -29.07
CA ALA E 132 -2.12 22.08 -29.73
C ALA E 132 -2.33 23.33 -30.60
N VAL E 133 -2.51 23.13 -31.90
CA VAL E 133 -2.56 24.24 -32.84
C VAL E 133 -3.88 24.18 -33.62
N HIS E 134 -4.52 25.36 -33.70
CA HIS E 134 -5.67 25.62 -34.56
C HIS E 134 -5.19 26.30 -35.84
N LYS E 135 -5.43 25.63 -36.98
CA LYS E 135 -4.99 26.11 -38.29
C LYS E 135 -5.68 27.43 -38.64
N THR E 136 -4.94 28.55 -38.51
CA THR E 136 -5.42 29.86 -38.94
C THR E 136 -4.23 30.70 -39.39
N GLN E 137 -4.55 31.66 -40.24
CA GLN E 137 -3.67 32.79 -40.50
C GLN E 137 -4.09 33.99 -39.65
N ASP E 138 -5.29 33.93 -39.05
CA ASP E 138 -5.90 35.04 -38.35
C ASP E 138 -5.56 34.97 -36.87
N VAL E 139 -4.54 35.74 -36.50
CA VAL E 139 -4.07 35.73 -35.11
C VAL E 139 -3.92 37.18 -34.68
N ARG E 140 -3.78 37.40 -33.39
CA ARG E 140 -3.74 38.79 -32.90
C ARG E 140 -2.48 38.99 -32.09
N ASN E 141 -2.20 40.24 -31.74
CA ASN E 141 -0.93 40.51 -31.04
C ASN E 141 -1.01 39.97 -29.63
N GLY E 142 0.09 39.47 -29.09
CA GLY E 142 0.19 38.88 -27.78
C GLY E 142 -0.08 37.37 -27.73
N GLN E 143 -0.47 36.77 -28.86
CA GLN E 143 -0.79 35.35 -28.89
C GLN E 143 0.42 34.52 -29.31
N VAL E 144 0.45 33.29 -28.80
CA VAL E 144 1.51 32.38 -29.17
C VAL E 144 1.12 31.72 -30.48
N VAL E 145 1.97 31.89 -31.49
CA VAL E 145 1.70 31.43 -32.82
C VAL E 145 2.79 30.46 -33.24
N VAL E 146 2.40 29.57 -34.15
CA VAL E 146 3.32 28.83 -34.96
C VAL E 146 3.51 29.61 -36.25
N ALA E 147 4.79 29.89 -36.59
CA ALA E 147 5.11 30.74 -37.73
C ALA E 147 6.18 30.05 -38.59
N ARG E 148 6.23 30.45 -39.86
CA ARG E 148 7.32 30.06 -40.73
C ARG E 148 8.04 31.30 -41.25
N ILE E 149 9.36 31.38 -40.95
CA ILE E 149 10.24 32.42 -41.44
C ILE E 149 11.29 31.77 -42.32
N ASP E 150 11.08 31.81 -43.64
CA ASP E 150 11.94 31.18 -44.63
C ASP E 150 12.23 29.76 -44.17
N ASP E 151 11.13 29.02 -44.00
CA ASP E 151 11.21 27.59 -43.73
C ASP E 151 11.78 27.30 -42.34
N GLU E 152 11.47 28.14 -41.35
CA GLU E 152 11.86 27.90 -39.97
C GLU E 152 10.57 27.93 -39.16
N VAL E 153 9.96 26.73 -39.02
CA VAL E 153 8.78 26.58 -38.20
C VAL E 153 9.18 26.86 -36.75
N THR E 154 8.74 28.00 -36.24
CA THR E 154 9.02 28.43 -34.88
C THR E 154 7.72 28.64 -34.10
N VAL E 155 7.84 28.60 -32.76
CA VAL E 155 6.72 28.86 -31.87
C VAL E 155 7.09 30.04 -30.99
N LYS E 156 6.52 31.22 -31.29
CA LYS E 156 6.83 32.43 -30.54
C LYS E 156 5.55 33.22 -30.29
N ARG E 157 5.69 34.34 -29.60
CA ARG E 157 4.58 35.24 -29.36
C ARG E 157 4.62 36.37 -30.40
N LEU E 158 3.44 36.80 -30.86
CA LEU E 158 3.32 37.72 -31.98
C LEU E 158 3.22 39.17 -31.50
N LYS E 159 4.06 40.05 -32.06
CA LYS E 159 3.95 41.50 -31.89
C LYS E 159 4.20 42.15 -33.25
N LYS E 160 3.14 42.29 -34.05
CA LYS E 160 3.27 42.85 -35.39
C LYS E 160 2.90 44.33 -35.35
N GLN E 161 3.78 45.15 -35.94
CA GLN E 161 3.63 46.59 -36.10
C GLN E 161 3.88 46.86 -37.58
N GLY E 162 2.80 46.82 -38.37
CA GLY E 162 2.85 47.08 -39.81
C GLY E 162 3.55 45.96 -40.59
N ASN E 163 4.73 46.30 -41.15
CA ASN E 163 5.58 45.33 -41.82
C ASN E 163 6.65 44.76 -40.89
N LYS E 164 6.66 45.24 -39.63
CA LYS E 164 7.64 44.79 -38.66
C LYS E 164 6.95 43.75 -37.77
N VAL E 165 7.19 42.48 -38.06
CA VAL E 165 6.65 41.40 -37.25
C VAL E 165 7.73 40.98 -36.25
N GLU E 166 7.42 41.05 -34.95
CA GLU E 166 8.35 40.60 -33.93
C GLU E 166 7.85 39.30 -33.30
N LEU E 167 8.65 38.24 -33.41
CA LEU E 167 8.38 36.97 -32.76
C LEU E 167 9.20 36.91 -31.47
N LEU E 168 8.54 37.21 -30.35
CA LEU E 168 9.14 37.31 -29.02
C LEU E 168 9.18 35.93 -28.38
N PRO E 169 10.30 35.58 -27.74
CA PRO E 169 10.38 34.33 -26.98
C PRO E 169 9.96 34.54 -25.53
N GLU E 170 9.81 33.42 -24.82
CA GLU E 170 9.59 33.42 -23.39
C GLU E 170 10.78 32.73 -22.72
N ASN E 171 11.93 33.39 -22.79
CA ASN E 171 13.17 32.91 -22.20
C ASN E 171 14.18 34.05 -22.31
N SER E 172 14.94 34.29 -21.23
CA SER E 172 15.88 35.41 -21.16
C SER E 172 17.18 35.11 -21.89
N GLU E 173 17.34 33.88 -22.41
CA GLU E 173 18.55 33.49 -23.13
C GLU E 173 18.34 33.58 -24.65
N PHE E 174 17.09 33.80 -25.08
CA PHE E 174 16.77 34.03 -26.48
C PHE E 174 16.43 35.50 -26.71
N LYS E 175 16.83 35.98 -27.90
CA LYS E 175 16.52 37.35 -28.28
C LYS E 175 15.39 37.34 -29.31
N PRO E 176 14.56 38.42 -29.42
CA PRO E 176 13.46 38.39 -30.36
C PRO E 176 13.88 38.12 -31.81
N ILE E 177 12.98 37.54 -32.60
CA ILE E 177 13.16 37.52 -34.04
C ILE E 177 12.41 38.71 -34.65
N VAL E 178 13.14 39.55 -35.39
CA VAL E 178 12.50 40.63 -36.14
C VAL E 178 12.39 40.23 -37.61
N VAL E 179 11.17 40.34 -38.16
CA VAL E 179 10.90 39.99 -39.54
C VAL E 179 10.36 41.21 -40.26
N ASP E 180 11.00 41.56 -41.36
CA ASP E 180 10.49 42.60 -42.25
C ASP E 180 9.74 41.91 -43.36
N LEU E 181 8.40 42.05 -43.36
CA LEU E 181 7.56 41.37 -44.35
C LEU E 181 8.00 41.69 -45.77
N ARG E 182 8.60 42.89 -45.96
CA ARG E 182 9.09 43.28 -47.27
C ARG E 182 10.24 42.38 -47.73
N GLN E 183 11.12 41.99 -46.81
CA GLN E 183 12.33 41.25 -47.16
C GLN E 183 12.11 39.75 -47.06
N GLN E 184 11.66 39.28 -45.90
CA GLN E 184 11.52 37.85 -45.66
C GLN E 184 10.12 37.35 -46.02
N SER E 185 10.03 36.06 -46.31
CA SER E 185 8.75 35.36 -46.49
C SER E 185 8.29 34.84 -45.13
N PHE E 186 7.04 35.14 -44.78
CA PHE E 186 6.54 34.89 -43.44
C PHE E 186 5.10 34.37 -43.53
N THR E 187 4.82 33.24 -42.86
CA THR E 187 3.48 32.68 -42.83
C THR E 187 3.08 32.37 -41.39
N ILE E 188 1.84 32.69 -41.01
CA ILE E 188 1.26 32.18 -39.78
C ILE E 188 0.62 30.83 -40.05
N GLU E 189 1.16 29.77 -39.45
CA GLU E 189 0.63 28.41 -39.62
C GLU E 189 -0.58 28.13 -38.69
N GLY E 190 -0.57 28.68 -37.47
CA GLY E 190 -1.71 28.42 -36.62
C GLY E 190 -1.61 29.16 -35.28
N LEU E 191 -2.67 28.97 -34.46
CA LEU E 191 -2.72 29.54 -33.13
C LEU E 191 -2.49 28.44 -32.09
N ALA E 192 -1.59 28.73 -31.14
CA ALA E 192 -1.39 27.84 -30.01
C ALA E 192 -2.64 27.86 -29.12
N VAL E 193 -3.33 26.72 -29.04
CA VAL E 193 -4.61 26.67 -28.28
C VAL E 193 -4.47 25.69 -27.10
N GLY E 194 -3.25 25.22 -26.84
CA GLY E 194 -3.03 24.33 -25.68
C GLY E 194 -1.69 23.63 -25.74
N VAL E 195 -1.27 23.02 -24.63
CA VAL E 195 0.02 22.26 -24.60
C VAL E 195 -0.27 20.83 -24.15
N ILE E 196 0.31 19.85 -24.83
CA ILE E 196 0.14 18.42 -24.46
C ILE E 196 1.48 17.89 -23.96
N ARG E 197 1.50 17.33 -22.76
CA ARG E 197 2.77 16.86 -22.16
C ARG E 197 2.68 15.36 -21.87
N ASN E 198 2.95 14.51 -22.87
CA ASN E 198 2.99 13.05 -22.62
C ASN E 198 4.41 12.70 -23.02
N GLY E 199 4.98 11.59 -22.58
CA GLY E 199 6.33 11.28 -23.07
C GLY E 199 6.26 10.15 -24.06
N ASP E 200 7.23 9.25 -24.02
CA ASP E 200 7.05 8.08 -24.85
C ASP E 200 6.21 7.10 -24.04
N TRP E 201 5.15 6.58 -24.66
CA TRP E 201 4.17 5.81 -23.93
C TRP E 201 4.25 4.33 -24.22
N LEU E 202 5.33 3.86 -24.88
CA LEU E 202 5.55 2.42 -24.94
C LEU E 202 6.96 1.99 -24.51
N GLU F 74 -17.24 8.84 -18.31
CA GLU F 74 -16.56 7.78 -19.08
C GLU F 74 -15.12 8.20 -19.36
N GLY F 75 -14.77 9.45 -19.07
CA GLY F 75 -13.42 9.93 -19.41
C GLY F 75 -12.54 10.07 -18.21
N LEU F 76 -11.44 10.80 -18.34
CA LEU F 76 -10.58 11.05 -17.17
C LEU F 76 -11.25 12.11 -16.31
N PRO F 77 -11.33 11.92 -15.00
CA PRO F 77 -11.92 12.90 -14.12
C PRO F 77 -11.05 14.11 -13.80
N LEU F 78 -11.69 15.26 -13.51
CA LEU F 78 -10.95 16.48 -13.20
C LEU F 78 -11.25 16.86 -11.77
N VAL F 79 -10.20 16.98 -10.95
CA VAL F 79 -10.34 17.33 -9.55
C VAL F 79 -9.66 18.67 -9.32
N GLY F 80 -10.41 19.57 -8.64
CA GLY F 80 -9.99 20.92 -8.32
C GLY F 80 -9.51 21.02 -6.89
N ARG F 81 -9.91 22.12 -6.21
CA ARG F 81 -9.72 22.30 -4.78
C ARG F 81 -10.26 21.06 -4.05
N VAL F 82 -9.39 20.34 -3.32
CA VAL F 82 -9.85 19.16 -2.60
C VAL F 82 -10.10 19.58 -1.16
N ALA F 83 -11.19 19.05 -0.59
CA ALA F 83 -11.56 19.42 0.77
C ALA F 83 -10.57 18.78 1.76
N ALA F 84 -10.22 19.54 2.81
CA ALA F 84 -9.38 19.03 3.89
C ALA F 84 -10.00 17.76 4.47
N GLY F 85 -9.23 16.67 4.43
CA GLY F 85 -9.58 15.36 4.95
C GLY F 85 -10.76 14.73 4.21
N GLU F 86 -10.85 15.08 2.93
CA GLU F 86 -11.90 14.46 2.08
C GLU F 86 -11.19 13.78 0.92
N PRO F 87 -11.59 12.56 0.55
CA PRO F 87 -10.92 11.84 -0.50
C PRO F 87 -10.80 12.71 -1.75
N LEU F 88 -9.82 12.43 -2.61
CA LEU F 88 -9.58 13.29 -3.80
C LEU F 88 -10.67 13.08 -4.83
N LEU F 89 -10.88 11.84 -5.25
CA LEU F 89 -11.83 11.57 -6.36
C LEU F 89 -13.26 11.60 -5.83
N ALA F 90 -13.56 12.60 -5.01
CA ALA F 90 -14.92 12.72 -4.45
C ALA F 90 -15.76 13.62 -5.34
N GLN F 91 -17.01 13.23 -5.56
CA GLN F 91 -17.92 14.00 -6.42
C GLN F 91 -17.70 15.48 -6.22
N GLN F 92 -17.70 15.91 -4.97
CA GLN F 92 -17.62 17.36 -4.69
C GLN F 92 -16.45 18.00 -5.42
N HIS F 93 -15.44 17.22 -5.75
CA HIS F 93 -14.22 17.82 -6.33
C HIS F 93 -14.17 17.58 -7.83
N ILE F 94 -15.08 16.78 -8.34
CA ILE F 94 -15.02 16.40 -9.75
C ILE F 94 -15.59 17.51 -10.63
N GLU F 95 -14.70 18.27 -11.27
CA GLU F 95 -15.10 19.38 -12.12
C GLU F 95 -15.30 18.96 -13.59
N GLY F 96 -15.42 17.66 -13.86
CA GLY F 96 -15.69 17.26 -15.24
C GLY F 96 -14.95 15.98 -15.66
N HIS F 97 -15.30 15.46 -16.85
CA HIS F 97 -14.73 14.24 -17.39
C HIS F 97 -14.22 14.49 -18.82
N TYR F 98 -12.89 14.48 -19.00
CA TYR F 98 -12.26 14.77 -20.28
C TYR F 98 -12.01 13.47 -21.07
N GLN F 99 -12.25 13.52 -22.38
CA GLN F 99 -12.06 12.37 -23.24
C GLN F 99 -10.64 12.40 -23.81
N VAL F 100 -9.71 11.90 -23.01
CA VAL F 100 -8.32 11.76 -23.41
C VAL F 100 -7.91 10.32 -23.20
N ASP F 101 -7.24 9.74 -24.20
CA ASP F 101 -6.78 8.37 -24.12
C ASP F 101 -5.85 8.22 -22.92
N PRO F 102 -6.29 7.50 -21.87
CA PRO F 102 -5.49 7.37 -20.65
C PRO F 102 -4.11 6.81 -20.99
N SER F 103 -4.07 5.82 -21.89
CA SER F 103 -2.86 5.10 -22.25
C SER F 103 -1.91 5.91 -23.13
N LEU F 104 -2.30 7.15 -23.48
CA LEU F 104 -1.32 8.08 -24.02
C LEU F 104 -0.29 8.48 -22.95
N PHE F 105 -0.55 8.13 -21.68
CA PHE F 105 0.42 8.41 -20.62
C PHE F 105 0.93 7.09 -20.05
N LYS F 106 2.22 7.08 -19.64
CA LYS F 106 2.83 5.82 -19.21
C LYS F 106 3.46 6.02 -17.85
N PRO F 107 2.96 5.37 -16.79
CA PRO F 107 1.78 4.50 -16.83
C PRO F 107 0.46 5.28 -17.02
N ASN F 108 -0.65 4.54 -17.04
CA ASN F 108 -1.93 5.10 -17.42
C ASN F 108 -2.31 6.27 -16.53
N ALA F 109 -2.78 7.36 -17.15
CA ALA F 109 -3.43 8.43 -16.40
C ALA F 109 -4.72 7.92 -15.79
N ASP F 110 -4.88 8.13 -14.48
CA ASP F 110 -6.11 7.78 -13.80
C ASP F 110 -6.99 9.01 -13.57
N PHE F 111 -6.39 10.16 -13.32
CA PHE F 111 -7.20 11.38 -13.21
C PHE F 111 -6.33 12.58 -13.55
N LEU F 112 -7.00 13.75 -13.57
CA LEU F 112 -6.37 15.03 -13.86
C LEU F 112 -6.59 15.94 -12.66
N LEU F 113 -5.53 16.65 -12.28
CA LEU F 113 -5.56 17.51 -11.11
C LEU F 113 -5.24 18.93 -11.55
N ARG F 114 -6.10 19.88 -11.19
CA ARG F 114 -5.79 21.27 -11.48
C ARG F 114 -4.62 21.68 -10.59
N VAL F 115 -3.56 22.20 -11.22
CA VAL F 115 -2.39 22.63 -10.48
C VAL F 115 -2.64 24.07 -10.05
N SER F 116 -2.26 24.32 -8.77
CA SER F 116 -2.28 25.64 -8.19
C SER F 116 -0.84 26.06 -7.87
N GLY F 117 -0.43 27.19 -8.45
CA GLY F 117 0.84 27.81 -8.14
C GLY F 117 1.99 27.44 -9.05
N MET F 118 3.02 28.27 -8.97
CA MET F 118 4.17 28.16 -9.84
C MET F 118 5.34 27.46 -9.13
N SER F 119 5.04 26.54 -8.20
CA SER F 119 6.07 25.76 -7.49
C SER F 119 6.92 24.95 -8.48
N MET F 120 6.31 24.50 -9.59
CA MET F 120 6.97 23.59 -10.52
C MET F 120 7.18 24.24 -11.88
N LYS F 121 7.34 25.57 -11.91
CA LYS F 121 7.32 26.29 -13.17
C LYS F 121 8.50 25.90 -14.04
N ASP F 122 9.59 25.41 -13.44
CA ASP F 122 10.82 25.16 -14.18
C ASP F 122 10.82 23.84 -14.97
N ILE F 123 9.95 22.90 -14.59
CA ILE F 123 9.77 21.70 -15.39
C ILE F 123 8.59 21.87 -16.36
N GLY F 124 7.85 22.97 -16.26
CA GLY F 124 6.79 23.32 -17.18
C GLY F 124 5.40 23.02 -16.62
N ILE F 125 5.29 22.78 -15.31
CA ILE F 125 3.99 22.59 -14.66
C ILE F 125 3.56 23.95 -14.12
N MET F 126 2.51 24.51 -14.73
CA MET F 126 2.10 25.87 -14.49
C MET F 126 0.75 25.89 -13.78
N ASP F 127 0.46 27.03 -13.13
CA ASP F 127 -0.84 27.26 -12.53
C ASP F 127 -1.92 27.01 -13.58
N GLY F 128 -2.98 26.32 -13.18
CA GLY F 128 -4.05 26.06 -14.12
C GLY F 128 -3.90 24.76 -14.93
N ASP F 129 -2.65 24.28 -15.06
CA ASP F 129 -2.39 23.04 -15.79
C ASP F 129 -3.07 21.86 -15.13
N LEU F 130 -3.52 20.93 -15.98
CA LEU F 130 -4.11 19.69 -15.51
C LEU F 130 -3.05 18.60 -15.50
N LEU F 131 -2.66 18.18 -14.30
CA LEU F 131 -1.65 17.14 -14.13
C LEU F 131 -2.30 15.77 -14.33
N ALA F 132 -1.77 15.01 -15.30
CA ALA F 132 -2.13 13.63 -15.53
C ALA F 132 -1.41 12.77 -14.49
N VAL F 133 -2.23 12.10 -13.66
CA VAL F 133 -1.76 11.37 -12.49
C VAL F 133 -2.22 9.92 -12.58
N HIS F 134 -1.24 9.01 -12.40
CA HIS F 134 -1.50 7.60 -12.15
C HIS F 134 -1.69 7.39 -10.65
N LYS F 135 -2.87 6.90 -10.25
CA LYS F 135 -3.16 6.69 -8.83
C LYS F 135 -2.35 5.49 -8.32
N THR F 136 -1.45 5.75 -7.38
CA THR F 136 -0.57 4.74 -6.81
C THR F 136 0.03 5.28 -5.51
N GLN F 137 0.60 4.39 -4.69
CA GLN F 137 1.49 4.83 -3.60
C GLN F 137 2.94 4.42 -3.88
N ASP F 138 3.15 3.52 -4.86
CA ASP F 138 4.46 3.00 -5.18
C ASP F 138 5.21 3.98 -6.08
N VAL F 139 5.84 4.96 -5.45
CA VAL F 139 6.66 5.95 -6.14
C VAL F 139 8.07 5.87 -5.56
N ARG F 140 9.08 6.03 -6.44
CA ARG F 140 10.46 6.02 -6.02
C ARG F 140 10.98 7.45 -5.99
N ASN F 141 12.03 7.67 -5.20
CA ASN F 141 12.69 8.97 -5.13
C ASN F 141 13.01 9.49 -6.51
N GLY F 142 13.01 10.82 -6.62
CA GLY F 142 13.28 11.51 -7.87
C GLY F 142 12.01 11.86 -8.63
N GLN F 143 10.95 11.07 -8.45
CA GLN F 143 9.74 11.22 -9.25
C GLN F 143 8.93 12.43 -8.79
N VAL F 144 8.11 12.95 -9.72
CA VAL F 144 7.18 14.01 -9.37
C VAL F 144 5.85 13.37 -8.95
N VAL F 145 5.37 13.69 -7.74
CA VAL F 145 4.23 13.00 -7.15
C VAL F 145 3.22 14.02 -6.66
N VAL F 146 1.98 13.53 -6.53
CA VAL F 146 0.94 14.24 -5.81
C VAL F 146 0.93 13.68 -4.39
N ALA F 147 1.20 14.55 -3.40
CA ALA F 147 1.28 14.12 -2.01
C ALA F 147 0.34 14.95 -1.15
N ARG F 148 -0.30 14.29 -0.18
CA ARG F 148 -1.15 14.98 0.77
C ARG F 148 -0.47 15.06 2.12
N ILE F 149 -0.15 16.28 2.52
CA ILE F 149 0.50 16.52 3.84
C ILE F 149 -0.50 17.31 4.67
N ASP F 150 -0.83 16.79 5.84
CA ASP F 150 -1.73 17.52 6.76
C ASP F 150 -2.84 18.15 5.94
N ASP F 151 -3.59 17.33 5.22
CA ASP F 151 -4.80 17.83 4.50
C ASP F 151 -4.46 18.84 3.40
N GLU F 152 -3.18 19.09 3.14
CA GLU F 152 -2.84 19.97 1.99
C GLU F 152 -2.34 19.09 0.86
N VAL F 153 -2.83 19.31 -0.36
CA VAL F 153 -2.39 18.52 -1.53
C VAL F 153 -1.37 19.35 -2.30
N THR F 154 -0.22 18.76 -2.61
CA THR F 154 0.85 19.48 -3.32
C THR F 154 1.39 18.61 -4.45
N VAL F 155 2.02 19.23 -5.45
CA VAL F 155 2.66 18.48 -6.54
C VAL F 155 4.14 18.81 -6.43
N LYS F 156 4.95 17.84 -6.04
CA LYS F 156 6.36 18.11 -5.78
C LYS F 156 7.21 16.93 -6.20
N ARG F 157 8.53 17.08 -6.13
CA ARG F 157 9.46 16.00 -6.45
C ARG F 157 9.92 15.36 -5.15
N LEU F 158 9.90 14.02 -5.11
CA LEU F 158 9.98 13.29 -3.85
C LEU F 158 11.42 12.97 -3.51
N LYS F 159 11.77 13.10 -2.22
CA LYS F 159 13.06 12.70 -1.70
C LYS F 159 12.86 12.19 -0.27
N LYS F 160 12.46 10.93 -0.16
CA LYS F 160 12.24 10.31 1.14
C LYS F 160 13.54 9.66 1.61
N GLN F 161 13.89 9.88 2.89
CA GLN F 161 15.10 9.32 3.49
C GLN F 161 14.78 9.01 4.95
N GLY F 162 14.10 7.88 5.16
CA GLY F 162 13.67 7.47 6.49
C GLY F 162 12.31 8.06 6.84
N ASN F 163 12.20 8.60 8.07
CA ASN F 163 11.02 9.33 8.51
C ASN F 163 11.08 10.80 8.10
N LYS F 164 12.07 11.13 7.27
CA LYS F 164 12.24 12.48 6.75
C LYS F 164 11.90 12.44 5.26
N VAL F 165 10.69 12.88 4.88
CA VAL F 165 10.44 13.04 3.46
C VAL F 165 10.63 14.52 3.12
N GLU F 166 11.26 14.74 1.97
CA GLU F 166 11.52 16.09 1.50
C GLU F 166 10.83 16.26 0.16
N LEU F 167 9.78 17.11 0.13
CA LEU F 167 9.11 17.42 -1.11
C LEU F 167 9.72 18.69 -1.70
N LEU F 168 10.50 18.52 -2.78
CA LEU F 168 11.31 19.53 -3.44
C LEU F 168 10.50 20.19 -4.53
N PRO F 169 10.69 21.50 -4.74
CA PRO F 169 10.01 22.19 -5.83
C PRO F 169 10.87 22.27 -7.10
N GLU F 170 10.32 22.91 -8.13
CA GLU F 170 11.10 23.32 -9.28
C GLU F 170 10.91 24.82 -9.49
N ASN F 171 11.34 25.60 -8.52
CA ASN F 171 11.32 27.06 -8.58
C ASN F 171 12.22 27.59 -7.48
N SER F 172 13.18 28.45 -7.84
CA SER F 172 14.17 28.94 -6.90
C SER F 172 13.48 29.73 -5.78
N GLU F 173 12.37 30.42 -6.10
CA GLU F 173 11.65 31.20 -5.12
C GLU F 173 10.98 30.33 -4.05
N PHE F 174 10.89 29.02 -4.29
CA PHE F 174 10.26 28.10 -3.36
C PHE F 174 11.32 27.29 -2.62
N LYS F 175 10.94 26.90 -1.39
CA LYS F 175 11.82 26.16 -0.51
C LYS F 175 11.28 24.75 -0.31
N PRO F 176 12.16 23.73 -0.18
CA PRO F 176 11.70 22.37 0.12
C PRO F 176 10.72 22.34 1.30
N ILE F 177 9.79 21.38 1.24
CA ILE F 177 8.94 21.01 2.36
C ILE F 177 9.60 19.80 3.02
N VAL F 178 9.63 19.83 4.36
CA VAL F 178 10.17 18.72 5.13
C VAL F 178 9.05 18.18 6.01
N VAL F 179 8.67 16.92 5.74
CA VAL F 179 7.67 16.22 6.51
C VAL F 179 8.35 15.20 7.39
N ASP F 180 7.97 15.20 8.67
CA ASP F 180 8.49 14.27 9.65
C ASP F 180 7.39 13.27 9.96
N LEU F 181 7.49 12.06 9.40
CA LEU F 181 6.39 11.10 9.40
C LEU F 181 5.83 10.84 10.79
N ARG F 182 6.67 11.01 11.83
CA ARG F 182 6.19 10.92 13.21
C ARG F 182 5.18 12.03 13.53
N GLN F 183 5.51 13.27 13.18
CA GLN F 183 4.71 14.40 13.64
C GLN F 183 3.47 14.65 12.77
N GLN F 184 3.56 14.43 11.44
CA GLN F 184 2.49 14.88 10.54
C GLN F 184 2.02 13.72 9.68
N SER F 185 0.80 13.89 9.16
CA SER F 185 0.14 12.92 8.32
C SER F 185 0.57 13.10 6.87
N PHE F 186 0.98 12.00 6.24
CA PHE F 186 1.57 12.08 4.90
C PHE F 186 1.11 10.87 4.09
N THR F 187 0.42 11.15 2.97
CA THR F 187 0.01 10.11 2.05
C THR F 187 0.52 10.47 0.66
N ILE F 188 0.71 9.44 -0.18
CA ILE F 188 1.01 9.63 -1.58
C ILE F 188 -0.24 9.26 -2.38
N GLU F 189 -0.80 10.25 -3.09
CA GLU F 189 -2.02 10.08 -3.87
C GLU F 189 -1.77 9.52 -5.28
N GLY F 190 -0.60 9.80 -5.87
CA GLY F 190 -0.28 9.25 -7.16
C GLY F 190 1.00 9.82 -7.77
N LEU F 191 1.28 9.39 -9.00
CA LEU F 191 2.50 9.74 -9.73
C LEU F 191 2.11 10.61 -10.91
N ALA F 192 2.90 11.68 -11.10
CA ALA F 192 2.72 12.55 -12.25
C ALA F 192 3.22 11.84 -13.50
N VAL F 193 2.32 11.70 -14.48
CA VAL F 193 2.61 10.99 -15.71
C VAL F 193 2.40 11.91 -16.91
N GLY F 194 1.91 13.13 -16.68
CA GLY F 194 1.89 14.08 -17.78
C GLY F 194 1.19 15.39 -17.45
N VAL F 195 1.01 16.23 -18.47
CA VAL F 195 0.32 17.50 -18.30
C VAL F 195 -0.54 17.80 -19.53
N ILE F 196 -1.79 18.20 -19.28
CA ILE F 196 -2.69 18.73 -20.30
C ILE F 196 -2.98 20.19 -19.95
N ARG F 197 -2.65 21.08 -20.88
CA ARG F 197 -2.91 22.50 -20.69
C ARG F 197 -3.89 22.94 -21.76
N ASN F 198 -5.15 23.01 -21.37
CA ASN F 198 -6.19 23.69 -22.13
C ASN F 198 -6.82 24.70 -21.19
N GLY F 199 -7.44 25.73 -21.74
CA GLY F 199 -7.98 26.79 -20.89
C GLY F 199 -9.35 26.42 -20.34
N ASP F 200 -10.22 27.43 -20.23
CA ASP F 200 -11.64 27.20 -20.27
C ASP F 200 -12.02 27.06 -21.74
N TRP F 201 -12.79 26.01 -22.06
CA TRP F 201 -13.09 25.73 -23.46
C TRP F 201 -14.53 26.06 -23.86
N LEU F 202 -15.20 26.88 -23.05
N LEU F 202 -15.18 26.96 -23.12
N LEU F 202 -15.19 26.96 -23.12
CA LEU F 202 -16.55 27.35 -23.31
CA LEU F 202 -16.47 27.49 -23.52
CA LEU F 202 -16.46 27.52 -23.59
C LEU F 202 -16.77 28.65 -22.53
C LEU F 202 -16.45 29.02 -23.47
C LEU F 202 -16.42 29.05 -23.51
N GLN G 1 -0.09 -15.82 -16.24
CA GLN G 1 1.14 -15.47 -16.98
C GLN G 1 0.79 -14.89 -18.34
N VAL G 2 1.48 -13.81 -18.69
CA VAL G 2 1.25 -13.09 -19.93
C VAL G 2 2.34 -13.44 -20.93
N GLN G 3 1.95 -13.71 -22.18
CA GLN G 3 2.90 -14.02 -23.23
C GLN G 3 2.58 -13.19 -24.49
N LEU G 4 3.65 -12.93 -25.26
CA LEU G 4 3.53 -12.20 -26.52
C LEU G 4 4.01 -13.10 -27.67
N VAL G 5 3.10 -13.36 -28.61
CA VAL G 5 3.38 -14.25 -29.73
C VAL G 5 3.50 -13.40 -31.01
N GLU G 6 4.66 -13.53 -31.67
CA GLU G 6 4.92 -12.73 -32.87
C GLU G 6 4.80 -13.60 -34.12
N SER G 7 4.44 -12.96 -35.24
CA SER G 7 4.49 -13.56 -36.55
C SER G 7 4.73 -12.48 -37.60
N GLY G 8 5.07 -12.92 -38.80
CA GLY G 8 5.49 -12.02 -39.85
C GLY G 8 7.00 -11.99 -39.98
N GLY G 9 7.49 -11.06 -40.79
CA GLY G 9 8.92 -10.89 -40.93
C GLY G 9 9.51 -11.80 -42.00
N GLY G 10 10.75 -11.49 -42.35
CA GLY G 10 11.47 -12.29 -43.33
C GLY G 10 12.38 -11.39 -44.16
N SER G 11 12.60 -11.81 -45.42
CA SER G 11 13.42 -11.07 -46.36
C SER G 11 12.55 -10.37 -47.40
N VAL G 12 13.00 -9.17 -47.80
CA VAL G 12 12.40 -8.40 -48.86
C VAL G 12 13.45 -7.46 -49.42
N GLN G 13 13.20 -6.97 -50.65
CA GLN G 13 14.11 -6.05 -51.30
C GLN G 13 13.58 -4.63 -51.11
N ALA G 14 14.33 -3.64 -51.65
CA ALA G 14 13.95 -2.25 -51.54
C ALA G 14 12.52 -2.06 -52.07
N GLY G 15 11.78 -1.14 -51.43
CA GLY G 15 10.33 -1.11 -51.59
C GLY G 15 9.71 -2.24 -50.78
N GLY G 16 8.73 -2.93 -51.36
CA GLY G 16 8.16 -4.09 -50.69
C GLY G 16 7.21 -3.71 -49.55
N SER G 17 6.69 -4.74 -48.88
CA SER G 17 5.64 -4.50 -47.91
C SER G 17 5.55 -5.74 -47.02
N LEU G 18 6.26 -5.70 -45.91
CA LEU G 18 6.22 -6.77 -44.93
C LEU G 18 5.20 -6.42 -43.85
N ARG G 19 4.51 -7.45 -43.33
CA ARG G 19 3.47 -7.23 -42.33
C ARG G 19 3.78 -8.05 -41.08
N LEU G 20 3.91 -7.35 -39.94
CA LEU G 20 4.14 -8.00 -38.65
C LEU G 20 2.82 -8.07 -37.87
N SER G 21 2.79 -9.00 -36.91
CA SER G 21 1.69 -9.04 -35.96
C SER G 21 2.16 -9.65 -34.64
N CYS G 22 1.58 -9.16 -33.54
CA CYS G 22 1.92 -9.59 -32.20
C CYS G 22 0.64 -9.71 -31.39
N ALA G 23 0.55 -10.80 -30.60
CA ALA G 23 -0.68 -11.10 -29.88
C ALA G 23 -0.38 -11.44 -28.42
N ALA G 24 -1.11 -10.78 -27.52
CA ALA G 24 -0.98 -11.00 -26.09
C ALA G 24 -1.95 -12.08 -25.64
N SER G 25 -1.49 -12.94 -24.73
CA SER G 25 -2.33 -14.01 -24.22
C SER G 25 -2.02 -14.25 -22.75
N GLY G 26 -3.00 -14.88 -22.09
CA GLY G 26 -2.86 -15.20 -20.68
C GLY G 26 -3.82 -14.40 -19.81
N SER G 27 -3.46 -14.32 -18.52
CA SER G 27 -4.31 -13.71 -17.52
C SER G 27 -4.15 -12.20 -17.56
N ILE G 28 -4.87 -11.58 -18.51
CA ILE G 28 -4.73 -10.16 -18.78
C ILE G 28 -6.00 -9.44 -18.33
N PHE G 29 -5.80 -8.41 -17.48
CA PHE G 29 -6.88 -7.54 -17.08
C PHE G 29 -7.06 -6.40 -18.09
N SER G 30 -5.96 -5.80 -18.56
CA SER G 30 -6.10 -4.87 -19.68
C SER G 30 -4.76 -4.68 -20.39
N ILE G 31 -4.84 -4.47 -21.70
CA ILE G 31 -3.69 -4.10 -22.50
C ILE G 31 -3.76 -2.60 -22.76
N ASN G 32 -2.78 -1.85 -22.24
CA ASN G 32 -2.82 -0.41 -22.37
C ASN G 32 -2.19 0.08 -23.68
N ALA G 33 -1.08 -0.54 -24.09
CA ALA G 33 -0.51 -0.19 -25.40
C ALA G 33 0.41 -1.30 -25.89
N MET G 34 0.20 -1.71 -27.14
CA MET G 34 1.08 -2.69 -27.77
C MET G 34 1.89 -1.96 -28.84
N GLY G 35 2.96 -2.59 -29.33
CA GLY G 35 3.75 -1.95 -30.37
C GLY G 35 5.07 -2.67 -30.62
N TRP G 36 5.97 -1.98 -31.35
CA TRP G 36 7.19 -2.59 -31.88
C TRP G 36 8.38 -1.66 -31.69
N TYR G 37 9.48 -2.29 -31.25
CA TYR G 37 10.82 -1.73 -31.22
C TYR G 37 11.70 -2.51 -32.18
N ARG G 38 12.82 -1.89 -32.59
CA ARG G 38 13.77 -2.54 -33.49
C ARG G 38 15.18 -2.41 -32.91
N GLN G 39 15.93 -3.50 -33.00
CA GLN G 39 17.34 -3.53 -32.63
C GLN G 39 18.11 -3.98 -33.87
N ALA G 40 18.97 -3.09 -34.38
CA ALA G 40 19.85 -3.41 -35.48
C ALA G 40 21.22 -3.77 -34.90
N PRO G 41 21.86 -4.86 -35.34
CA PRO G 41 23.08 -5.34 -34.67
C PRO G 41 24.14 -4.23 -34.55
N GLY G 42 24.55 -3.93 -33.32
CA GLY G 42 25.55 -2.91 -33.13
C GLY G 42 25.00 -1.63 -32.49
N LYS G 43 23.80 -1.21 -32.91
CA LYS G 43 23.17 -0.03 -32.32
C LYS G 43 22.15 -0.44 -31.24
N GLN G 44 21.51 0.55 -30.62
CA GLN G 44 20.63 0.30 -29.48
C GLN G 44 19.21 -0.03 -29.91
N ARG G 45 18.39 -0.43 -28.95
CA ARG G 45 16.98 -0.73 -29.22
C ARG G 45 16.20 0.57 -29.44
N GLU G 46 15.48 0.67 -30.56
CA GLU G 46 14.72 1.88 -30.87
C GLU G 46 13.23 1.53 -31.03
N LEU G 47 12.38 2.50 -30.68
CA LEU G 47 10.94 2.35 -30.86
C LEU G 47 10.59 2.52 -32.34
N VAL G 48 9.72 1.63 -32.85
CA VAL G 48 9.24 1.76 -34.22
C VAL G 48 7.85 2.38 -34.21
N ALA G 49 6.90 1.74 -33.51
CA ALA G 49 5.52 2.18 -33.64
C ALA G 49 4.72 1.66 -32.46
N ALA G 50 3.90 2.53 -31.88
CA ALA G 50 3.04 2.16 -30.77
C ALA G 50 1.58 2.40 -31.11
N ILE G 51 0.70 1.63 -30.45
CA ILE G 51 -0.74 1.84 -30.57
C ILE G 51 -1.47 1.43 -29.29
N THR G 52 -2.40 2.29 -28.85
CA THR G 52 -3.16 2.08 -27.63
C THR G 52 -4.45 1.31 -27.92
N ARG G 53 -5.19 0.99 -26.85
CA ARG G 53 -6.44 0.27 -26.97
C ARG G 53 -7.51 1.14 -27.63
N ARG G 54 -7.53 2.43 -27.34
CA ARG G 54 -8.49 3.33 -27.94
C ARG G 54 -8.07 3.83 -29.33
N GLY G 55 -6.89 3.43 -29.81
CA GLY G 55 -6.56 3.70 -31.20
C GLY G 55 -5.47 4.77 -31.42
N SER G 56 -4.96 5.41 -30.37
CA SER G 56 -3.91 6.39 -30.57
C SER G 56 -2.66 5.67 -31.06
N THR G 57 -1.91 6.38 -31.90
CA THR G 57 -0.72 5.80 -32.48
C THR G 57 0.45 6.76 -32.32
N ASN G 58 1.66 6.21 -32.40
CA ASN G 58 2.85 7.04 -32.45
C ASN G 58 3.89 6.32 -33.31
N TYR G 59 4.67 7.10 -34.06
CA TYR G 59 5.65 6.57 -34.99
C TYR G 59 6.98 7.30 -34.80
N ALA G 60 8.09 6.60 -35.08
CA ALA G 60 9.42 7.16 -34.92
C ALA G 60 9.78 8.05 -36.11
N ASP G 61 10.76 8.91 -35.88
CA ASP G 61 11.11 9.90 -36.87
C ASP G 61 11.60 9.26 -38.18
N PHE G 62 11.99 7.97 -38.15
CA PHE G 62 12.50 7.33 -39.36
C PHE G 62 11.39 6.71 -40.20
N VAL G 63 10.25 6.37 -39.57
CA VAL G 63 9.09 5.95 -40.35
C VAL G 63 8.35 7.20 -40.78
N LYS G 64 8.46 7.51 -42.07
CA LYS G 64 7.91 8.74 -42.65
C LYS G 64 6.63 8.39 -43.42
N GLY G 65 5.60 8.01 -42.66
CA GLY G 65 4.31 7.59 -43.15
C GLY G 65 4.40 6.39 -44.09
N ARG G 66 5.30 5.46 -43.80
CA ARG G 66 5.43 4.24 -44.59
C ARG G 66 4.86 3.03 -43.84
N PHE G 67 4.82 3.11 -42.50
CA PHE G 67 4.32 2.03 -41.66
C PHE G 67 2.99 2.44 -41.06
N THR G 68 2.16 1.44 -40.78
CA THR G 68 0.79 1.64 -40.33
C THR G 68 0.47 0.59 -39.28
N ILE G 69 0.30 1.05 -38.03
CA ILE G 69 0.02 0.15 -36.92
C ILE G 69 -1.49 0.06 -36.70
N SER G 70 -1.98 -1.17 -36.47
CA SER G 70 -3.44 -1.38 -36.33
C SER G 70 -3.72 -2.33 -35.16
N ARG G 71 -4.98 -2.50 -34.79
CA ARG G 71 -5.30 -3.32 -33.59
C ARG G 71 -6.59 -4.12 -33.74
N ASP G 72 -6.63 -5.32 -33.14
CA ASP G 72 -7.87 -6.15 -33.12
C ASP G 72 -8.16 -6.43 -31.66
N ASN G 73 -8.96 -5.58 -31.04
CA ASN G 73 -9.18 -5.68 -29.60
C ASN G 73 -9.75 -7.04 -29.21
N ALA G 74 -10.60 -7.61 -30.09
CA ALA G 74 -11.13 -8.93 -29.85
C ALA G 74 -10.00 -9.96 -29.87
N LYS G 75 -9.21 -9.96 -30.94
CA LYS G 75 -8.10 -10.89 -31.08
C LYS G 75 -6.88 -10.46 -30.27
N ASN G 76 -7.01 -9.38 -29.47
CA ASN G 76 -5.92 -8.87 -28.63
C ASN G 76 -4.61 -8.80 -29.41
N THR G 77 -4.72 -8.41 -30.70
CA THR G 77 -3.59 -8.45 -31.60
C THR G 77 -3.28 -7.05 -32.14
N VAL G 78 -2.02 -6.91 -32.58
CA VAL G 78 -1.49 -5.66 -33.11
C VAL G 78 -0.77 -6.00 -34.42
N TYR G 79 -0.91 -5.11 -35.42
CA TYR G 79 -0.37 -5.37 -36.74
C TYR G 79 0.43 -4.16 -37.21
N LEU G 80 1.53 -4.44 -37.89
CA LEU G 80 2.36 -3.38 -38.45
C LEU G 80 2.56 -3.65 -39.94
N GLN G 81 1.82 -2.87 -40.75
CA GLN G 81 2.03 -2.84 -42.19
C GLN G 81 3.21 -1.92 -42.51
N MET G 82 4.34 -2.49 -42.93
CA MET G 82 5.45 -1.64 -43.31
C MET G 82 5.74 -1.77 -44.80
N ASN G 83 5.55 -0.69 -45.56
CA ASN G 83 5.90 -0.61 -46.98
C ASN G 83 7.05 0.37 -47.19
N SER G 84 7.58 0.37 -48.42
CA SER G 84 8.70 1.20 -48.85
C SER G 84 9.89 0.97 -47.91
N LEU G 85 10.25 -0.31 -47.77
CA LEU G 85 11.34 -0.68 -46.91
C LEU G 85 12.69 -0.29 -47.52
N LYS G 86 13.70 -0.33 -46.66
CA LYS G 86 15.02 0.16 -47.01
C LYS G 86 16.06 -0.77 -46.39
N PRO G 87 17.29 -0.81 -46.94
CA PRO G 87 18.37 -1.61 -46.34
C PRO G 87 18.51 -1.22 -44.86
N GLU G 88 18.44 0.08 -44.57
CA GLU G 88 18.59 0.65 -43.23
C GLU G 88 17.46 0.20 -42.29
N ASP G 89 16.38 -0.37 -42.82
CA ASP G 89 15.33 -0.88 -41.94
C ASP G 89 15.63 -2.26 -41.38
N THR G 90 16.64 -2.95 -41.92
CA THR G 90 16.96 -4.30 -41.47
C THR G 90 17.32 -4.28 -39.99
N ALA G 91 16.67 -5.18 -39.22
CA ALA G 91 16.78 -5.25 -37.77
C ALA G 91 15.91 -6.37 -37.22
N VAL G 92 16.03 -6.62 -35.92
CA VAL G 92 15.16 -7.52 -35.19
C VAL G 92 14.08 -6.69 -34.51
N TYR G 93 12.84 -7.00 -34.85
CA TYR G 93 11.68 -6.27 -34.36
C TYR G 93 11.10 -7.03 -33.18
N TYR G 94 11.27 -6.43 -31.99
CA TYR G 94 10.73 -6.98 -30.76
C TYR G 94 9.36 -6.34 -30.51
N CYS G 95 8.36 -7.20 -30.25
CA CYS G 95 7.08 -6.71 -29.76
C CYS G 95 7.26 -6.22 -28.32
N LYS G 96 6.56 -5.12 -27.99
CA LYS G 96 6.53 -4.59 -26.63
C LYS G 96 5.09 -4.31 -26.25
N ALA G 97 4.76 -4.51 -24.97
CA ALA G 97 3.40 -4.25 -24.54
C ALA G 97 3.38 -3.85 -23.07
N ARG G 98 2.46 -2.95 -22.74
CA ARG G 98 2.17 -2.61 -21.37
C ARG G 98 0.85 -3.31 -21.00
N ILE G 99 0.94 -4.24 -20.05
CA ILE G 99 -0.23 -4.98 -19.61
C ILE G 99 -0.40 -4.82 -18.11
N GLU G 100 -1.66 -4.64 -17.68
CA GLU G 100 -2.04 -4.93 -16.31
C GLU G 100 -2.52 -6.38 -16.28
N PRO G 101 -1.75 -7.30 -15.65
CA PRO G 101 -2.18 -8.68 -15.55
C PRO G 101 -3.25 -8.87 -14.47
N ASP G 102 -4.00 -9.96 -14.60
CA ASP G 102 -5.09 -10.21 -13.63
C ASP G 102 -4.43 -10.22 -12.27
N SER G 103 -3.20 -10.71 -12.22
CA SER G 103 -2.44 -10.74 -10.94
C SER G 103 -2.48 -9.37 -10.29
N SER G 104 -1.87 -8.37 -10.92
CA SER G 104 -1.77 -7.03 -10.29
C SER G 104 -2.68 -6.03 -11.01
N TRP G 105 -3.89 -5.85 -10.50
CA TRP G 105 -4.79 -4.82 -11.09
C TRP G 105 -4.28 -3.44 -10.68
N GLY G 106 -4.39 -2.45 -11.56
CA GLY G 106 -3.80 -1.14 -11.26
C GLY G 106 -2.34 -1.12 -11.64
N THR G 107 -1.60 -2.18 -11.33
CA THR G 107 -0.15 -2.09 -11.64
C THR G 107 0.08 -2.56 -13.08
N GLU G 108 1.05 -1.97 -13.77
CA GLU G 108 1.28 -2.30 -15.17
C GLU G 108 2.76 -2.67 -15.34
N TYR G 109 2.99 -3.73 -16.11
CA TYR G 109 4.34 -4.20 -16.38
C TYR G 109 4.59 -4.20 -17.88
N GLU G 110 5.89 -4.14 -18.22
CA GLU G 110 6.34 -4.20 -19.60
C GLU G 110 6.65 -5.64 -19.99
N TYR G 111 6.16 -6.06 -21.16
CA TYR G 111 6.37 -7.40 -21.67
C TYR G 111 6.97 -7.30 -23.07
N TRP G 112 7.82 -8.28 -23.40
CA TRP G 112 8.55 -8.32 -24.66
C TRP G 112 8.31 -9.65 -25.37
N GLY G 113 8.39 -9.62 -26.70
CA GLY G 113 8.37 -10.83 -27.49
C GLY G 113 9.80 -11.29 -27.82
N GLN G 114 9.87 -12.45 -28.49
CA GLN G 114 11.14 -13.09 -28.79
C GLN G 114 11.96 -12.23 -29.75
N GLY G 115 11.26 -11.60 -30.69
CA GLY G 115 11.94 -10.85 -31.73
C GLY G 115 11.78 -11.53 -33.09
N THR G 116 11.75 -10.70 -34.13
CA THR G 116 11.55 -11.17 -35.48
C THR G 116 12.62 -10.57 -36.37
N GLN G 117 13.27 -11.43 -37.17
CA GLN G 117 14.23 -10.93 -38.12
C GLN G 117 13.48 -10.27 -39.28
N VAL G 118 13.86 -9.03 -39.61
CA VAL G 118 13.39 -8.38 -40.82
C VAL G 118 14.61 -7.89 -41.58
N THR G 119 14.86 -8.54 -42.72
CA THR G 119 16.06 -8.21 -43.54
C THR G 119 15.61 -7.66 -44.88
N VAL G 120 16.02 -6.44 -45.19
CA VAL G 120 15.61 -5.80 -46.47
C VAL G 120 16.82 -5.77 -47.40
N SER G 121 16.58 -5.81 -48.71
CA SER G 121 17.70 -5.82 -49.69
C SER G 121 17.65 -4.55 -50.55
N GLN H 1 -26.93 31.36 -40.61
CA GLN H 1 -28.17 31.45 -39.78
C GLN H 1 -28.16 30.33 -38.74
N VAL H 2 -27.73 30.66 -37.52
CA VAL H 2 -27.63 29.65 -36.44
C VAL H 2 -28.23 30.27 -35.17
N GLN H 3 -29.10 29.53 -34.49
CA GLN H 3 -29.81 30.11 -33.32
C GLN H 3 -29.69 29.18 -32.11
N LEU H 4 -29.96 29.71 -30.92
CA LEU H 4 -29.88 28.90 -29.68
C LEU H 4 -31.23 28.97 -28.95
N VAL H 5 -32.05 27.93 -29.06
CA VAL H 5 -33.35 27.86 -28.40
C VAL H 5 -33.15 27.34 -26.98
N GLU H 6 -33.36 28.20 -25.98
CA GLU H 6 -33.37 27.78 -24.58
C GLU H 6 -34.72 27.18 -24.19
N SER H 7 -34.76 26.45 -23.07
CA SER H 7 -35.98 25.81 -22.61
C SER H 7 -35.83 25.40 -21.15
N GLY H 8 -36.49 26.11 -20.24
CA GLY H 8 -36.63 25.67 -18.85
C GLY H 8 -36.34 26.78 -17.83
N GLY H 9 -36.50 26.45 -16.54
CA GLY H 9 -36.06 27.29 -15.44
C GLY H 9 -37.24 27.76 -14.58
N GLY H 10 -37.08 28.96 -14.01
CA GLY H 10 -38.08 29.55 -13.13
C GLY H 10 -37.62 29.58 -11.68
N SER H 11 -38.52 29.29 -10.75
CA SER H 11 -38.20 29.31 -9.32
C SER H 11 -38.29 27.92 -8.71
N VAL H 12 -37.43 27.70 -7.71
CA VAL H 12 -37.45 26.42 -6.94
C VAL H 12 -36.93 26.80 -5.56
N GLN H 13 -37.59 26.35 -4.49
CA GLN H 13 -37.08 26.62 -3.14
C GLN H 13 -35.71 25.97 -3.00
N ALA H 14 -34.97 26.32 -1.94
CA ALA H 14 -33.65 25.71 -1.70
C ALA H 14 -33.74 24.18 -1.80
N GLY H 15 -32.61 23.51 -2.01
CA GLY H 15 -32.62 22.05 -2.16
C GLY H 15 -33.38 21.65 -3.39
N GLY H 16 -34.15 22.58 -3.95
CA GLY H 16 -34.93 22.33 -5.18
C GLY H 16 -34.02 22.04 -6.36
N SER H 17 -34.56 21.36 -7.39
CA SER H 17 -33.78 21.08 -8.61
C SER H 17 -34.32 21.94 -9.76
N LEU H 18 -33.75 21.80 -10.96
CA LEU H 18 -34.22 22.57 -12.15
C LEU H 18 -33.55 22.05 -13.41
N ARG H 19 -34.35 21.52 -14.36
CA ARG H 19 -33.76 21.09 -15.62
C ARG H 19 -33.73 22.30 -16.56
N LEU H 20 -32.58 22.50 -17.20
CA LEU H 20 -32.43 23.47 -18.29
C LEU H 20 -32.11 22.71 -19.57
N SER H 21 -32.48 23.31 -20.71
CA SER H 21 -32.23 22.69 -22.01
C SER H 21 -31.88 23.77 -23.03
N CYS H 22 -31.11 23.40 -24.06
CA CYS H 22 -30.72 24.34 -25.10
C CYS H 22 -30.38 23.59 -26.38
N ALA H 23 -31.00 24.01 -27.50
CA ALA H 23 -30.77 23.39 -28.80
C ALA H 23 -30.25 24.41 -29.80
N ALA H 24 -29.48 23.92 -30.79
CA ALA H 24 -28.86 24.72 -31.82
C ALA H 24 -29.46 24.32 -33.17
N SER H 25 -30.04 25.32 -33.86
CA SER H 25 -30.64 25.09 -35.16
C SER H 25 -30.00 26.01 -36.20
N GLY H 26 -29.84 25.50 -37.42
CA GLY H 26 -29.51 26.35 -38.54
C GLY H 26 -28.46 25.72 -39.44
N SER H 27 -27.74 26.59 -40.16
CA SER H 27 -26.71 26.20 -41.11
C SER H 27 -25.43 25.88 -40.34
N ILE H 28 -25.46 24.71 -39.68
CA ILE H 28 -24.37 24.29 -38.82
C ILE H 28 -23.52 23.24 -39.56
N PHE H 29 -22.20 23.47 -39.55
CA PHE H 29 -21.25 22.48 -40.04
C PHE H 29 -20.72 21.62 -38.89
N SER H 30 -20.50 22.24 -37.73
CA SER H 30 -19.94 21.54 -36.59
C SER H 30 -20.33 22.29 -35.31
N ILE H 31 -20.86 21.57 -34.33
CA ILE H 31 -20.99 22.13 -32.99
C ILE H 31 -19.78 21.62 -32.22
N ASN H 32 -18.92 22.56 -31.84
CA ASN H 32 -17.73 22.22 -31.08
C ASN H 32 -18.04 22.09 -29.61
N ALA H 33 -18.81 23.03 -29.02
CA ALA H 33 -19.16 22.82 -27.62
C ALA H 33 -20.37 23.65 -27.20
N MET H 34 -21.30 23.03 -26.48
CA MET H 34 -22.39 23.80 -25.91
C MET H 34 -22.35 23.74 -24.38
N GLY H 35 -22.99 24.73 -23.75
CA GLY H 35 -23.11 24.71 -22.31
C GLY H 35 -23.85 25.94 -21.80
N TRP H 36 -23.63 26.22 -20.51
CA TRP H 36 -24.30 27.31 -19.82
C TRP H 36 -23.32 28.18 -19.01
N TYR H 37 -23.57 29.49 -19.09
CA TYR H 37 -23.03 30.55 -18.24
C TYR H 37 -24.13 31.09 -17.33
N ARG H 38 -23.77 32.06 -16.47
CA ARG H 38 -24.76 32.71 -15.62
C ARG H 38 -24.30 34.13 -15.25
N GLN H 39 -25.27 35.03 -15.06
CA GLN H 39 -24.99 36.40 -14.63
C GLN H 39 -25.87 36.72 -13.43
N ALA H 40 -25.20 37.04 -12.31
CA ALA H 40 -25.89 37.50 -11.10
C ALA H 40 -25.85 39.02 -11.06
N PRO H 41 -26.95 39.68 -10.64
CA PRO H 41 -27.00 41.15 -10.61
C PRO H 41 -25.76 41.79 -9.97
N GLY H 42 -25.06 42.64 -10.75
CA GLY H 42 -23.86 43.32 -10.27
C GLY H 42 -22.57 42.55 -10.52
N LYS H 43 -22.63 41.21 -10.47
CA LYS H 43 -21.49 40.36 -10.77
C LYS H 43 -21.42 40.09 -12.28
N GLN H 44 -20.28 39.57 -12.72
CA GLN H 44 -20.04 39.29 -14.13
C GLN H 44 -20.56 37.91 -14.52
N ARG H 45 -20.47 37.59 -15.83
CA ARG H 45 -20.89 36.31 -16.38
C ARG H 45 -19.86 35.24 -16.04
N GLU H 46 -20.29 34.11 -15.48
CA GLU H 46 -19.40 33.00 -15.16
C GLU H 46 -19.91 31.71 -15.81
N LEU H 47 -18.95 30.88 -16.25
CA LEU H 47 -19.29 29.55 -16.73
C LEU H 47 -19.94 28.73 -15.63
N VAL H 48 -21.00 28.01 -16.02
CA VAL H 48 -21.59 27.01 -15.16
C VAL H 48 -21.15 25.61 -15.60
N ALA H 49 -21.38 25.27 -16.87
CA ALA H 49 -21.16 23.89 -17.29
C ALA H 49 -20.91 23.86 -18.79
N ALA H 50 -20.14 22.86 -19.25
CA ALA H 50 -19.80 22.77 -20.66
C ALA H 50 -19.69 21.31 -21.09
N ILE H 51 -20.06 21.02 -22.34
CA ILE H 51 -19.97 19.69 -22.90
C ILE H 51 -19.63 19.79 -24.38
N THR H 52 -18.78 18.86 -24.82
CA THR H 52 -18.41 18.78 -26.24
C THR H 52 -19.23 17.68 -26.87
N ARG H 53 -19.04 17.47 -28.17
CA ARG H 53 -19.88 16.48 -28.87
C ARG H 53 -19.38 15.10 -28.51
N ARG H 54 -18.12 15.02 -28.10
CA ARG H 54 -17.55 13.68 -27.83
C ARG H 54 -17.85 13.33 -26.38
N GLY H 55 -18.38 14.28 -25.61
CA GLY H 55 -18.80 13.99 -24.26
C GLY H 55 -17.91 14.52 -23.15
N SER H 56 -16.91 15.35 -23.48
CA SER H 56 -16.08 15.98 -22.46
C SER H 56 -16.91 17.01 -21.67
N THR H 57 -16.77 17.00 -20.34
CA THR H 57 -17.59 17.88 -19.53
C THR H 57 -16.71 18.70 -18.61
N ASN H 58 -17.14 19.95 -18.35
CA ASN H 58 -16.45 20.82 -17.43
C ASN H 58 -17.49 21.51 -16.55
N TYR H 59 -17.14 21.75 -15.27
CA TYR H 59 -18.00 22.43 -14.30
C TYR H 59 -17.17 23.47 -13.56
N ALA H 60 -17.85 24.46 -12.97
CA ALA H 60 -17.18 25.50 -12.18
C ALA H 60 -17.01 25.01 -10.74
N ASP H 61 -16.38 25.83 -9.89
CA ASP H 61 -16.27 25.50 -8.47
C ASP H 61 -17.65 25.35 -7.83
N PHE H 62 -18.53 26.36 -8.00
CA PHE H 62 -19.75 26.45 -7.23
C PHE H 62 -20.66 25.22 -7.43
N VAL H 63 -20.58 24.60 -8.61
CA VAL H 63 -21.26 23.34 -8.80
C VAL H 63 -20.37 22.24 -8.24
N LYS H 64 -20.80 21.68 -7.12
CA LYS H 64 -20.06 20.62 -6.46
C LYS H 64 -20.73 19.28 -6.75
N GLY H 65 -20.72 18.89 -8.02
CA GLY H 65 -21.33 17.66 -8.48
C GLY H 65 -22.84 17.64 -8.29
N ARG H 66 -23.47 18.82 -8.19
CA ARG H 66 -24.91 18.92 -8.06
C ARG H 66 -25.60 19.18 -9.40
N PHE H 67 -24.86 19.67 -10.40
CA PHE H 67 -25.40 19.87 -11.73
C PHE H 67 -24.83 18.82 -12.67
N THR H 68 -25.61 18.43 -13.68
CA THR H 68 -25.15 17.44 -14.64
C THR H 68 -25.54 17.87 -16.04
N ILE H 69 -24.52 18.09 -16.89
CA ILE H 69 -24.71 18.43 -18.28
C ILE H 69 -24.64 17.16 -19.14
N SER H 70 -25.54 17.06 -20.11
CA SER H 70 -25.64 15.91 -21.01
C SER H 70 -26.06 16.41 -22.39
N ARG H 71 -25.95 15.52 -23.40
CA ARG H 71 -26.21 15.96 -24.75
C ARG H 71 -26.90 14.88 -25.58
N ASP H 72 -27.63 15.33 -26.60
CA ASP H 72 -28.22 14.53 -27.65
C ASP H 72 -27.71 15.11 -28.94
N ASN H 73 -26.66 14.47 -29.50
CA ASN H 73 -26.00 14.95 -30.70
C ASN H 73 -26.91 14.91 -31.92
N ALA H 74 -27.81 13.92 -31.95
CA ALA H 74 -28.76 13.76 -33.04
C ALA H 74 -29.85 14.83 -32.98
N LYS H 75 -30.13 15.36 -31.78
CA LYS H 75 -31.09 16.43 -31.62
C LYS H 75 -30.40 17.78 -31.39
N ASN H 76 -29.07 17.82 -31.51
CA ASN H 76 -28.28 19.03 -31.33
C ASN H 76 -28.71 19.78 -30.06
N THR H 77 -28.92 19.05 -28.97
CA THR H 77 -29.44 19.67 -27.76
C THR H 77 -28.60 19.25 -26.54
N VAL H 78 -28.44 20.18 -25.59
CA VAL H 78 -27.80 19.87 -24.31
C VAL H 78 -28.77 20.18 -23.17
N TYR H 79 -28.63 19.42 -22.06
CA TYR H 79 -29.49 19.55 -20.89
C TYR H 79 -28.62 19.63 -19.65
N LEU H 80 -28.99 20.55 -18.74
CA LEU H 80 -28.32 20.67 -17.45
C LEU H 80 -29.31 20.41 -16.32
N GLN H 81 -29.08 19.35 -15.56
CA GLN H 81 -29.91 19.06 -14.40
C GLN H 81 -29.23 19.68 -13.17
N MET H 82 -29.75 20.81 -12.71
CA MET H 82 -29.32 21.41 -11.46
C MET H 82 -30.11 20.78 -10.29
N ASN H 83 -29.45 20.52 -9.17
CA ASN H 83 -30.07 19.60 -8.22
C ASN H 83 -30.20 20.12 -6.79
N SER H 84 -29.17 20.79 -6.26
CA SER H 84 -29.26 21.19 -4.85
C SER H 84 -29.29 22.71 -4.69
N LEU H 85 -30.22 23.37 -5.39
CA LEU H 85 -30.16 24.80 -5.63
C LEU H 85 -30.08 25.57 -4.32
N LYS H 86 -29.16 26.53 -4.27
CA LYS H 86 -29.02 27.46 -3.15
C LYS H 86 -29.42 28.85 -3.60
N PRO H 87 -29.78 29.77 -2.68
CA PRO H 87 -30.07 31.15 -3.06
C PRO H 87 -28.93 31.85 -3.78
N GLU H 88 -27.69 31.34 -3.67
CA GLU H 88 -26.57 31.92 -4.41
C GLU H 88 -26.62 31.54 -5.89
N ASP H 89 -27.51 30.60 -6.27
CA ASP H 89 -27.64 30.12 -7.65
C ASP H 89 -28.61 30.97 -8.46
N THR H 90 -29.20 32.00 -7.84
CA THR H 90 -30.13 32.89 -8.51
C THR H 90 -29.39 33.76 -9.52
N ALA H 91 -29.73 33.62 -10.80
CA ALA H 91 -29.09 34.38 -11.84
C ALA H 91 -29.81 34.12 -13.16
N VAL H 92 -29.44 34.93 -14.16
CA VAL H 92 -29.82 34.63 -15.53
C VAL H 92 -28.79 33.66 -16.10
N TYR H 93 -29.31 32.58 -16.71
CA TYR H 93 -28.50 31.49 -17.21
C TYR H 93 -28.59 31.53 -18.74
N TYR H 94 -27.49 31.97 -19.36
CA TYR H 94 -27.42 32.07 -20.81
C TYR H 94 -26.73 30.83 -21.36
N CYS H 95 -27.44 30.11 -22.24
CA CYS H 95 -26.82 29.05 -23.02
C CYS H 95 -25.79 29.65 -23.97
N LYS H 96 -24.62 29.01 -24.07
CA LYS H 96 -23.53 29.45 -24.94
C LYS H 96 -23.07 28.27 -25.81
N ALA H 97 -22.59 28.60 -27.02
CA ALA H 97 -22.22 27.56 -27.99
C ALA H 97 -21.03 28.02 -28.84
N ARG H 98 -20.11 27.08 -29.10
CA ARG H 98 -19.01 27.27 -30.03
C ARG H 98 -19.32 26.46 -31.28
N ILE H 99 -19.63 27.15 -32.39
CA ILE H 99 -20.16 26.52 -33.59
C ILE H 99 -19.42 27.02 -34.83
N GLU H 100 -19.02 26.10 -35.70
CA GLU H 100 -18.67 26.44 -37.07
C GLU H 100 -19.94 26.41 -37.91
N PRO H 101 -20.45 27.57 -38.39
CA PRO H 101 -21.55 27.55 -39.34
C PRO H 101 -21.01 27.19 -40.71
N ASP H 102 -21.80 26.50 -41.54
CA ASP H 102 -21.26 26.13 -42.85
C ASP H 102 -21.02 27.37 -43.70
N SER H 103 -21.63 28.50 -43.33
CA SER H 103 -21.28 29.79 -43.93
C SER H 103 -19.76 29.99 -43.95
N SER H 104 -19.12 29.77 -42.80
CA SER H 104 -17.71 30.08 -42.58
C SER H 104 -16.96 28.79 -42.22
N TRP H 105 -16.53 28.05 -43.24
CA TRP H 105 -15.90 26.75 -43.05
C TRP H 105 -14.54 26.90 -42.37
N GLY H 106 -14.35 26.21 -41.23
CA GLY H 106 -13.09 26.23 -40.53
C GLY H 106 -13.07 27.21 -39.34
N THR H 107 -13.74 28.35 -39.50
CA THR H 107 -13.85 29.32 -38.42
C THR H 107 -15.03 28.95 -37.53
N GLU H 108 -14.82 29.01 -36.22
CA GLU H 108 -15.89 28.88 -35.26
C GLU H 108 -16.25 30.25 -34.69
N TYR H 109 -17.49 30.37 -34.20
CA TYR H 109 -17.98 31.59 -33.56
C TYR H 109 -18.69 31.25 -32.27
N GLU H 110 -18.80 32.26 -31.41
CA GLU H 110 -19.57 32.14 -30.18
C GLU H 110 -21.01 32.58 -30.45
N TYR H 111 -21.96 31.77 -29.98
CA TYR H 111 -23.38 32.05 -30.05
C TYR H 111 -23.96 32.02 -28.64
N TRP H 112 -24.94 32.87 -28.40
CA TRP H 112 -25.58 33.02 -27.10
C TRP H 112 -27.10 32.79 -27.23
N GLY H 113 -27.74 32.53 -26.10
CA GLY H 113 -29.18 32.46 -26.05
C GLY H 113 -29.79 33.70 -25.40
N GLN H 114 -31.13 33.71 -25.36
CA GLN H 114 -31.93 34.77 -24.75
C GLN H 114 -31.51 35.03 -23.30
N GLY H 115 -31.38 33.94 -22.55
CA GLY H 115 -31.20 33.95 -21.10
C GLY H 115 -32.47 33.49 -20.41
N THR H 116 -32.38 32.47 -19.54
CA THR H 116 -33.51 32.10 -18.71
C THR H 116 -33.15 32.33 -17.24
N GLN H 117 -34.10 32.89 -16.49
CA GLN H 117 -33.91 33.21 -15.08
C GLN H 117 -34.12 31.97 -14.22
N VAL H 118 -33.14 31.70 -13.35
CA VAL H 118 -33.30 30.72 -12.28
C VAL H 118 -33.27 31.47 -10.96
N THR H 119 -34.33 31.29 -10.17
CA THR H 119 -34.46 31.93 -8.87
C THR H 119 -34.68 30.87 -7.80
N VAL H 120 -33.94 31.02 -6.69
CA VAL H 120 -34.04 30.05 -5.56
C VAL H 120 -34.51 30.80 -4.31
N SER H 121 -35.56 30.30 -3.66
CA SER H 121 -36.14 31.01 -2.49
C SER H 121 -35.56 30.45 -1.18
N SER H 122 -35.09 31.33 -0.31
CA SER H 122 -34.50 30.89 0.99
C SER H 122 -35.54 30.09 1.77
#